data_8P4X
#
_entry.id   8P4X
#
_cell.length_a   1.00
_cell.length_b   1.00
_cell.length_c   1.00
_cell.angle_alpha   90.00
_cell.angle_beta   90.00
_cell.angle_gamma   90.00
#
_symmetry.space_group_name_H-M   'P 1'
#
loop_
_entity.id
_entity.type
_entity.pdbx_description
1 polymer 'Putative light-receptive cryptochrome (Fragment)'
2 non-polymer 'FLAVIN-ADENINE DINUCLEOTIDE'
3 non-polymer 'MAGNESIUM ION'
4 water water
#
_entity_poly.entity_id   1
_entity_poly.type   'polypeptide(L)'
_entity_poly.pdbx_seq_one_letter_code
;MKEKMSAWEVGNGIMEEKTDDWDNKEDNGKEHVSLHWFRHGLRLHDNPALLKSLEGAKEFYALFIWDGEVAGTKLVSYPR
MKFLLECLKDLDDSLKKHGGRLYVVKGPSDVVIKQLIEEWGVTRVTCEIDPEPIWQPRDKAVKDLCATKGVKWFDYNSHL
LWDPKAVCDANGGRPPHTYKLFCQVTDLLGKPETPHPDPDFSHVQMPVSDDFDDKFGLPTLKELGCEPECEEQEKPFNKW
QGGETGALELLETRLMIERTAYKAGYIMPNQYIPDLVGPPRSMSPHLRFGALSIRKFYWDLHNNYAEVCGGEWLGALTAQ
LVWREYFYCMSYGNPSFDKMEGNPICLQIPWYKDEEALEKWKQGQTGFPWIDACMRQLRYEGWMHHVGRHAVACFLTRGD
LWISWVDGLEAFYKYMLDGDWSVCAGNWMWVSSSAFENCLQCPQCFSPVLYGMRMDPTGEFTRRYVPQLKNMPLKYLFQP
WKAPKEVQEKAGCVIGEDYPSPMVDHKEASSKCRRMMEDVKSIIKDPEVWHCTPSDTNEVRKFCWLPEHMTADQPCLGDL
PCIKY
;
_entity_poly.pdbx_strand_id   A,B
#
loop_
_chem_comp.id
_chem_comp.type
_chem_comp.name
_chem_comp.formula
FAD non-polymer 'FLAVIN-ADENINE DINUCLEOTIDE' 'C27 H33 N9 O15 P2'
MG non-polymer 'MAGNESIUM ION' 'Mg 2'
#
# COMPACT_ATOMS: atom_id res chain seq x y z
N GLU A 31 -25.12 44.99 -4.18
CA GLU A 31 -26.36 45.42 -4.82
C GLU A 31 -26.80 44.38 -5.85
N HIS A 32 -26.83 43.12 -5.46
CA HIS A 32 -27.22 42.03 -6.32
C HIS A 32 -27.89 40.92 -5.51
N VAL A 33 -28.68 40.12 -6.21
CA VAL A 33 -29.27 38.90 -5.67
C VAL A 33 -28.80 37.76 -6.56
N SER A 34 -27.71 37.12 -6.15
CA SER A 34 -27.04 36.14 -6.99
C SER A 34 -27.58 34.74 -6.76
N LEU A 35 -27.49 33.91 -7.79
CA LEU A 35 -27.92 32.51 -7.72
C LEU A 35 -26.86 31.65 -8.39
N HIS A 36 -26.35 30.66 -7.65
CA HIS A 36 -25.40 29.69 -8.17
C HIS A 36 -26.12 28.37 -8.40
N TRP A 37 -26.01 27.84 -9.62
CA TRP A 37 -26.68 26.63 -10.03
C TRP A 37 -25.68 25.47 -9.98
N PHE A 38 -25.99 24.46 -9.17
CA PHE A 38 -25.13 23.29 -9.02
C PHE A 38 -25.60 22.20 -9.97
N ARG A 39 -24.77 21.86 -10.95
CA ARG A 39 -25.00 20.74 -11.85
C ARG A 39 -23.89 19.71 -11.77
N HIS A 40 -22.65 20.14 -11.99
CA HIS A 40 -21.44 19.41 -11.62
C HIS A 40 -20.63 20.32 -10.69
N GLY A 41 -19.44 19.86 -10.32
CA GLY A 41 -18.59 20.65 -9.45
C GLY A 41 -19.20 20.84 -8.08
N LEU A 42 -19.69 19.74 -7.49
CA LEU A 42 -20.32 19.78 -6.17
C LEU A 42 -19.23 19.92 -5.11
N ARG A 43 -18.73 21.15 -4.97
CA ARG A 43 -17.67 21.44 -4.02
C ARG A 43 -17.67 22.92 -3.72
N LEU A 44 -16.92 23.30 -2.68
CA LEU A 44 -16.73 24.70 -2.31
C LEU A 44 -15.30 25.18 -2.51
N HIS A 45 -14.33 24.29 -2.63
CA HIS A 45 -12.94 24.67 -2.85
C HIS A 45 -12.65 24.78 -4.34
N ASP A 46 -11.89 25.81 -4.71
CA ASP A 46 -11.51 26.06 -6.10
C ASP A 46 -12.73 26.16 -7.00
N ASN A 47 -13.56 27.17 -6.73
CA ASN A 47 -14.81 27.39 -7.43
C ASN A 47 -14.94 28.87 -7.75
N PRO A 48 -14.28 29.34 -8.82
CA PRO A 48 -14.33 30.79 -9.13
C PRO A 48 -15.73 31.32 -9.38
N ALA A 49 -16.59 30.54 -10.03
CA ALA A 49 -17.95 30.99 -10.28
C ALA A 49 -18.69 31.26 -8.98
N LEU A 50 -18.50 30.40 -7.98
CA LEU A 50 -19.10 30.65 -6.67
C LEU A 50 -18.52 31.90 -6.03
N LEU A 51 -17.20 32.10 -6.15
CA LEU A 51 -16.58 33.28 -5.58
C LEU A 51 -17.11 34.56 -6.21
N LYS A 52 -17.49 34.50 -7.49
CA LYS A 52 -18.01 35.68 -8.17
C LYS A 52 -19.43 36.03 -7.75
N SER A 53 -20.18 35.06 -7.23
CA SER A 53 -21.56 35.28 -6.79
C SER A 53 -21.65 35.84 -5.38
N LEU A 54 -20.53 36.03 -4.69
CA LEU A 54 -20.51 36.54 -3.34
C LEU A 54 -20.05 37.99 -3.23
N GLU A 55 -19.30 38.48 -4.21
CA GLU A 55 -18.81 39.85 -4.17
C GLU A 55 -19.88 40.82 -4.69
N GLY A 56 -20.14 41.86 -3.92
CA GLY A 56 -21.18 42.81 -4.29
C GLY A 56 -22.56 42.18 -4.32
N ALA A 57 -22.85 41.29 -3.38
CA ALA A 57 -24.11 40.57 -3.33
C ALA A 57 -24.81 40.86 -2.01
N LYS A 58 -26.10 41.17 -2.08
CA LYS A 58 -26.91 41.38 -0.89
C LYS A 58 -27.53 40.08 -0.39
N GLU A 59 -27.93 39.21 -1.30
CA GLU A 59 -28.50 37.92 -0.96
C GLU A 59 -27.87 36.84 -1.82
N PHE A 60 -27.89 35.61 -1.32
CA PHE A 60 -27.28 34.48 -2.01
C PHE A 60 -28.17 33.25 -1.88
N TYR A 61 -28.33 32.52 -2.98
CA TYR A 61 -29.09 31.29 -3.01
C TYR A 61 -28.30 30.20 -3.70
N ALA A 62 -28.32 29.00 -3.14
CA ALA A 62 -27.71 27.81 -3.72
C ALA A 62 -28.82 26.87 -4.18
N LEU A 63 -28.70 26.38 -5.41
CA LEU A 63 -29.78 25.64 -6.05
C LEU A 63 -29.27 24.40 -6.75
N PHE A 64 -30.07 23.32 -6.69
CA PHE A 64 -29.89 22.13 -7.49
C PHE A 64 -31.25 21.73 -8.04
N ILE A 65 -31.32 21.46 -9.34
CA ILE A 65 -32.57 21.13 -10.02
C ILE A 65 -32.55 19.65 -10.39
N TRP A 66 -33.60 18.94 -9.99
CA TRP A 66 -33.76 17.53 -10.32
C TRP A 66 -34.70 17.43 -11.52
N ASP A 67 -34.14 17.09 -12.69
CA ASP A 67 -34.91 17.09 -13.93
C ASP A 67 -34.96 15.72 -14.62
N GLY A 68 -34.26 14.71 -14.12
CA GLY A 68 -34.30 13.39 -14.72
C GLY A 68 -33.20 13.11 -15.71
N GLU A 69 -32.38 14.10 -16.06
CA GLU A 69 -31.26 13.90 -16.97
C GLU A 69 -29.93 14.38 -16.41
N VAL A 70 -29.94 15.22 -15.38
CA VAL A 70 -28.71 15.80 -14.85
C VAL A 70 -27.91 14.74 -14.11
N ALA A 71 -26.59 14.73 -14.34
CA ALA A 71 -25.67 13.84 -13.63
C ALA A 71 -25.95 12.37 -13.90
N GLY A 72 -26.36 12.04 -15.12
CA GLY A 72 -26.56 10.67 -15.52
C GLY A 72 -27.61 9.95 -14.69
N THR A 73 -28.76 10.58 -14.51
CA THR A 73 -29.83 10.02 -13.69
C THR A 73 -30.85 9.22 -14.51
N LYS A 74 -30.92 9.45 -15.82
CA LYS A 74 -31.89 8.73 -16.64
C LYS A 74 -31.59 7.23 -16.69
N LEU A 75 -30.35 6.88 -17.03
CA LEU A 75 -29.91 5.48 -17.11
C LEU A 75 -28.94 5.24 -15.96
N VAL A 76 -29.46 4.74 -14.83
CA VAL A 76 -28.70 4.66 -13.59
C VAL A 76 -29.19 3.47 -12.80
N SER A 77 -28.44 3.11 -11.75
CA SER A 77 -28.78 2.02 -10.86
C SER A 77 -28.55 2.45 -9.41
N TYR A 78 -28.72 1.51 -8.50
CA TYR A 78 -28.69 1.81 -7.06
C TYR A 78 -27.31 2.30 -6.58
N PRO A 79 -26.20 1.67 -6.96
CA PRO A 79 -24.90 2.13 -6.41
C PRO A 79 -24.59 3.60 -6.66
N ARG A 80 -24.66 4.05 -7.91
CA ARG A 80 -24.32 5.44 -8.21
C ARG A 80 -25.35 6.43 -7.68
N MET A 81 -26.61 6.02 -7.57
CA MET A 81 -27.60 6.87 -6.90
C MET A 81 -27.23 7.11 -5.45
N LYS A 82 -26.81 6.07 -4.74
CA LYS A 82 -26.32 6.26 -3.38
C LYS A 82 -25.18 7.26 -3.33
N PHE A 83 -24.23 7.13 -4.25
CA PHE A 83 -23.07 8.02 -4.28
C PHE A 83 -23.50 9.47 -4.48
N LEU A 84 -24.40 9.70 -5.44
CA LEU A 84 -24.86 11.06 -5.71
C LEU A 84 -25.59 11.65 -4.52
N LEU A 85 -26.48 10.87 -3.90
CA LEU A 85 -27.20 11.39 -2.74
C LEU A 85 -26.27 11.70 -1.58
N GLU A 86 -25.27 10.84 -1.35
CA GLU A 86 -24.29 11.13 -0.31
C GLU A 86 -23.52 12.42 -0.60
N CYS A 87 -23.14 12.63 -1.86
CA CYS A 87 -22.44 13.87 -2.21
C CYS A 87 -23.31 15.09 -1.95
N LEU A 88 -24.58 15.03 -2.34
CA LEU A 88 -25.48 16.17 -2.12
C LEU A 88 -25.67 16.43 -0.62
N LYS A 89 -25.82 15.37 0.17
CA LYS A 89 -25.96 15.55 1.62
C LYS A 89 -24.71 16.16 2.22
N ASP A 90 -23.53 15.72 1.77
CA ASP A 90 -22.28 16.33 2.24
C ASP A 90 -22.23 17.81 1.90
N LEU A 91 -22.65 18.17 0.68
CA LEU A 91 -22.65 19.57 0.29
C LEU A 91 -23.57 20.40 1.18
N ASP A 92 -24.79 19.89 1.44
CA ASP A 92 -25.71 20.62 2.30
C ASP A 92 -25.15 20.76 3.72
N ASP A 93 -24.55 19.69 4.25
CA ASP A 93 -23.95 19.77 5.58
C ASP A 93 -22.83 20.80 5.63
N SER A 94 -22.00 20.85 4.59
CA SER A 94 -20.95 21.86 4.54
C SER A 94 -21.52 23.26 4.50
N LEU A 95 -22.58 23.49 3.72
CA LEU A 95 -23.21 24.79 3.68
C LEU A 95 -23.85 25.18 5.01
N LYS A 96 -24.36 24.21 5.77
CA LYS A 96 -25.01 24.53 7.04
C LYS A 96 -24.05 25.16 8.05
N LYS A 97 -22.74 24.93 7.91
CA LYS A 97 -21.79 25.51 8.85
C LYS A 97 -21.79 27.03 8.78
N HIS A 98 -21.78 27.58 7.56
CA HIS A 98 -21.72 29.02 7.38
C HIS A 98 -23.08 29.70 7.55
N GLY A 99 -24.16 28.93 7.70
CA GLY A 99 -25.47 29.50 7.91
C GLY A 99 -26.34 29.51 6.67
N GLY A 100 -26.31 28.43 5.89
CA GLY A 100 -27.10 28.34 4.69
C GLY A 100 -27.52 26.91 4.40
N ARG A 101 -28.46 26.78 3.48
CA ARG A 101 -29.01 25.50 3.07
C ARG A 101 -28.91 25.35 1.56
N LEU A 102 -29.23 24.15 1.07
CA LEU A 102 -29.25 23.84 -0.35
C LEU A 102 -30.69 23.57 -0.76
N TYR A 103 -31.18 24.31 -1.75
CA TYR A 103 -32.52 24.12 -2.28
C TYR A 103 -32.50 23.06 -3.37
N VAL A 104 -33.47 22.15 -3.32
CA VAL A 104 -33.67 21.14 -4.35
C VAL A 104 -35.08 21.28 -4.89
N VAL A 105 -35.20 21.42 -6.22
CA VAL A 105 -36.48 21.62 -6.88
C VAL A 105 -36.61 20.59 -7.99
N LYS A 106 -37.82 20.10 -8.19
CA LYS A 106 -38.12 19.08 -9.18
C LYS A 106 -38.90 19.71 -10.32
N GLY A 107 -38.36 19.63 -11.53
CA GLY A 107 -39.02 20.16 -12.70
C GLY A 107 -38.06 20.66 -13.76
N PRO A 108 -38.60 21.03 -14.92
CA PRO A 108 -37.73 21.54 -15.99
C PRO A 108 -37.01 22.83 -15.59
N SER A 109 -35.77 22.95 -16.06
CA SER A 109 -34.96 24.11 -15.72
C SER A 109 -35.53 25.39 -16.30
N ASP A 110 -35.99 25.35 -17.55
CA ASP A 110 -36.46 26.55 -18.23
C ASP A 110 -37.70 27.16 -17.56
N VAL A 111 -38.44 26.39 -16.77
CA VAL A 111 -39.54 26.93 -15.98
C VAL A 111 -39.14 27.20 -14.53
N VAL A 112 -38.30 26.36 -13.94
CA VAL A 112 -37.89 26.57 -12.56
C VAL A 112 -37.11 27.88 -12.42
N ILE A 113 -36.19 28.14 -13.36
CA ILE A 113 -35.39 29.37 -13.29
C ILE A 113 -36.30 30.59 -13.36
N LYS A 114 -37.27 30.57 -14.28
CA LYS A 114 -38.16 31.71 -14.43
C LYS A 114 -39.04 31.91 -13.19
N GLN A 115 -39.56 30.80 -12.63
CA GLN A 115 -40.34 30.91 -11.40
C GLN A 115 -39.51 31.54 -10.29
N LEU A 116 -38.28 31.06 -10.10
CA LEU A 116 -37.45 31.59 -9.02
C LEU A 116 -37.07 33.05 -9.27
N ILE A 117 -36.84 33.42 -10.54
CA ILE A 117 -36.53 34.82 -10.84
C ILE A 117 -37.71 35.71 -10.49
N GLU A 118 -38.93 35.29 -10.85
CA GLU A 118 -40.09 36.12 -10.57
C GLU A 118 -40.45 36.13 -9.08
N GLU A 119 -40.06 35.09 -8.34
CA GLU A 119 -40.39 35.04 -6.92
C GLU A 119 -39.36 35.77 -6.07
N TRP A 120 -38.10 35.32 -6.14
CA TRP A 120 -37.06 35.89 -5.28
C TRP A 120 -36.64 37.28 -5.73
N GLY A 121 -36.48 37.48 -7.04
CA GLY A 121 -35.99 38.74 -7.55
C GLY A 121 -34.51 38.69 -7.91
N VAL A 122 -34.12 37.64 -8.60
CA VAL A 122 -32.72 37.39 -8.93
C VAL A 122 -32.27 38.32 -10.03
N THR A 123 -31.01 38.75 -9.97
CA THR A 123 -30.42 39.61 -10.98
C THR A 123 -29.16 39.04 -11.60
N ARG A 124 -28.60 37.96 -11.06
CA ARG A 124 -27.38 37.38 -11.60
C ARG A 124 -27.38 35.88 -11.37
N VAL A 125 -27.00 35.13 -12.41
CA VAL A 125 -26.89 33.67 -12.36
C VAL A 125 -25.48 33.28 -12.73
N THR A 126 -24.87 32.43 -11.91
CA THR A 126 -23.52 31.94 -12.15
C THR A 126 -23.54 30.42 -12.20
N CYS A 127 -22.67 29.86 -13.05
CA CYS A 127 -22.62 28.41 -13.22
C CYS A 127 -21.25 28.01 -13.72
N GLU A 128 -21.02 26.70 -13.74
CA GLU A 128 -19.84 26.09 -14.34
C GLU A 128 -20.22 25.44 -15.66
N ILE A 129 -19.25 25.39 -16.57
CA ILE A 129 -19.49 24.92 -17.94
C ILE A 129 -19.46 23.40 -17.98
N ASP A 130 -20.35 22.83 -18.79
CA ASP A 130 -20.32 21.41 -19.11
C ASP A 130 -19.77 21.24 -20.52
N PRO A 131 -18.55 20.72 -20.69
CA PRO A 131 -17.94 20.75 -22.03
C PRO A 131 -18.56 19.79 -23.03
N GLU A 132 -19.25 18.74 -22.58
CA GLU A 132 -19.79 17.77 -23.49
C GLU A 132 -20.88 18.37 -24.36
N PRO A 133 -21.02 17.92 -25.61
CA PRO A 133 -22.01 18.52 -26.52
C PRO A 133 -23.45 18.19 -26.20
N ILE A 134 -23.72 17.19 -25.36
CA ILE A 134 -25.10 16.84 -25.05
C ILE A 134 -25.74 17.77 -24.03
N TRP A 135 -24.97 18.65 -23.40
CA TRP A 135 -25.49 19.58 -22.41
C TRP A 135 -25.67 20.99 -22.96
N GLN A 136 -25.47 21.18 -24.26
CA GLN A 136 -25.48 22.52 -24.84
C GLN A 136 -26.90 23.07 -24.99
N PRO A 137 -27.81 22.36 -25.66
CA PRO A 137 -29.15 22.92 -25.83
C PRO A 137 -29.87 23.23 -24.53
N ARG A 138 -29.50 22.56 -23.43
CA ARG A 138 -30.07 22.91 -22.14
C ARG A 138 -29.67 24.31 -21.73
N ASP A 139 -28.39 24.65 -21.90
CA ASP A 139 -27.89 25.95 -21.45
C ASP A 139 -28.33 27.08 -22.37
N LYS A 140 -28.27 26.87 -23.68
CA LYS A 140 -28.65 27.90 -24.63
C LYS A 140 -30.06 28.42 -24.39
N ALA A 141 -30.95 27.59 -23.85
CA ALA A 141 -32.30 28.04 -23.56
C ALA A 141 -32.34 29.01 -22.38
N VAL A 142 -31.53 28.77 -21.36
CA VAL A 142 -31.54 29.64 -20.18
C VAL A 142 -31.00 31.01 -20.53
N LYS A 143 -29.84 31.07 -21.18
CA LYS A 143 -29.22 32.36 -21.49
C LYS A 143 -30.20 33.29 -22.20
N ASP A 144 -30.85 32.79 -23.26
CA ASP A 144 -31.82 33.61 -23.98
C ASP A 144 -32.84 34.22 -23.03
N LEU A 145 -33.39 33.39 -22.12
CA LEU A 145 -34.33 33.92 -21.13
C LEU A 145 -33.71 35.07 -20.35
N CYS A 146 -32.50 34.87 -19.81
CA CYS A 146 -31.86 35.91 -19.04
C CYS A 146 -31.60 37.16 -19.88
N ALA A 147 -31.60 37.02 -21.20
CA ALA A 147 -31.35 38.17 -22.06
C ALA A 147 -32.60 39.06 -22.16
N THR A 148 -33.77 38.49 -21.93
CA THR A 148 -35.03 39.23 -22.04
C THR A 148 -35.61 39.62 -20.69
N LYS A 149 -34.81 39.54 -19.61
CA LYS A 149 -35.28 39.96 -18.30
C LYS A 149 -34.22 40.72 -17.52
N GLY A 150 -33.14 41.16 -18.15
CA GLY A 150 -32.11 41.90 -17.45
C GLY A 150 -31.40 41.13 -16.37
N VAL A 151 -31.03 39.89 -16.64
CA VAL A 151 -30.37 39.02 -15.66
C VAL A 151 -28.99 38.68 -16.21
N LYS A 152 -27.96 39.02 -15.44
CA LYS A 152 -26.59 38.73 -15.85
C LYS A 152 -26.32 37.22 -15.78
N TRP A 153 -25.45 36.76 -16.68
CA TRP A 153 -25.08 35.36 -16.80
C TRP A 153 -23.57 35.24 -16.74
N PHE A 154 -23.07 34.32 -15.91
CA PHE A 154 -21.64 34.11 -15.76
C PHE A 154 -21.32 32.63 -15.78
N ASP A 155 -20.31 32.26 -16.55
CA ASP A 155 -19.85 30.88 -16.64
C ASP A 155 -18.33 30.85 -16.61
N TYR A 156 -17.79 29.76 -16.08
CA TYR A 156 -16.34 29.61 -15.94
C TYR A 156 -15.98 28.14 -16.06
N ASN A 157 -14.91 27.85 -16.79
CA ASN A 157 -14.46 26.47 -17.02
C ASN A 157 -13.48 26.09 -15.92
N SER A 158 -13.88 25.15 -15.06
CA SER A 158 -13.02 24.63 -14.00
C SER A 158 -13.06 23.11 -13.95
N HIS A 159 -13.58 22.47 -15.01
CA HIS A 159 -13.69 21.02 -15.05
C HIS A 159 -12.54 20.35 -15.80
N LEU A 160 -11.81 21.10 -16.61
CA LEU A 160 -10.71 20.57 -17.41
C LEU A 160 -9.46 21.42 -17.20
N LEU A 161 -8.34 20.91 -17.70
CA LEU A 161 -7.07 21.62 -17.63
C LEU A 161 -6.84 22.55 -18.81
N TRP A 162 -7.35 22.19 -20.00
CA TRP A 162 -7.22 23.00 -21.19
C TRP A 162 -8.57 23.14 -21.88
N ASP A 163 -8.71 24.22 -22.64
CA ASP A 163 -9.94 24.49 -23.38
C ASP A 163 -9.96 23.65 -24.65
N PRO A 164 -10.99 22.81 -24.88
CA PRO A 164 -11.00 21.99 -26.09
C PRO A 164 -10.91 22.79 -27.39
N LYS A 165 -11.57 23.95 -27.45
CA LYS A 165 -11.56 24.73 -28.68
C LYS A 165 -10.16 25.20 -29.05
N ALA A 166 -9.37 25.63 -28.06
CA ALA A 166 -8.00 26.07 -28.33
C ALA A 166 -7.15 24.92 -28.85
N VAL A 167 -7.29 23.73 -28.25
CA VAL A 167 -6.54 22.57 -28.71
C VAL A 167 -6.93 22.21 -30.14
N CYS A 168 -8.22 22.24 -30.43
CA CYS A 168 -8.68 21.91 -31.78
C CYS A 168 -8.17 22.92 -32.80
N ASP A 169 -8.17 24.21 -32.44
CA ASP A 169 -7.68 25.23 -33.37
C ASP A 169 -6.18 25.13 -33.57
N ALA A 170 -5.44 24.71 -32.54
CA ALA A 170 -4.00 24.57 -32.65
C ALA A 170 -3.59 23.43 -33.58
N ASN A 171 -4.48 22.48 -33.83
CA ASN A 171 -4.19 21.36 -34.72
C ASN A 171 -5.06 21.43 -35.96
N GLY A 172 -5.19 22.61 -36.53
CA GLY A 172 -6.03 22.82 -37.70
C GLY A 172 -7.49 23.10 -37.31
N GLY A 173 -8.36 22.13 -37.53
CA GLY A 173 -9.75 22.25 -37.14
C GLY A 173 -10.34 20.94 -36.65
N ARG A 174 -9.49 20.00 -36.28
CA ARG A 174 -9.93 18.67 -35.85
C ARG A 174 -9.23 18.28 -34.56
N PRO A 175 -9.88 17.48 -33.71
CA PRO A 175 -9.21 17.03 -32.49
C PRO A 175 -8.04 16.12 -32.82
N PRO A 176 -6.98 16.16 -32.02
CA PRO A 176 -5.90 15.18 -32.20
C PRO A 176 -6.41 13.76 -32.00
N HIS A 177 -5.91 12.85 -32.83
CA HIS A 177 -6.32 11.45 -32.80
C HIS A 177 -5.29 10.54 -32.14
N THR A 178 -4.19 11.10 -31.65
CA THR A 178 -3.12 10.33 -31.03
C THR A 178 -2.72 10.99 -29.71
N TYR A 179 -2.36 10.16 -28.73
CA TYR A 179 -1.99 10.66 -27.42
C TYR A 179 -0.69 11.47 -27.49
N LYS A 180 0.29 10.98 -28.25
CA LYS A 180 1.54 11.71 -28.42
C LYS A 180 1.31 13.07 -29.09
N LEU A 181 0.46 13.11 -30.11
CA LEU A 181 0.14 14.37 -30.76
C LEU A 181 -0.56 15.32 -29.80
N PHE A 182 -1.46 14.79 -28.97
CA PHE A 182 -2.13 15.62 -27.98
C PHE A 182 -1.14 16.22 -27.00
N CYS A 183 -0.20 15.41 -26.51
CA CYS A 183 0.82 15.93 -25.61
C CYS A 183 1.65 17.00 -26.29
N GLN A 184 2.05 16.76 -27.55
CA GLN A 184 2.83 17.76 -28.27
C GLN A 184 2.07 19.07 -28.40
N VAL A 185 0.78 19.00 -28.73
CA VAL A 185 -0.01 20.21 -28.90
C VAL A 185 -0.15 20.95 -27.57
N THR A 186 -0.43 20.21 -26.49
CA THR A 186 -0.64 20.87 -25.20
C THR A 186 0.64 21.40 -24.59
N ASP A 187 1.80 20.87 -24.97
CA ASP A 187 3.05 21.38 -24.44
C ASP A 187 3.39 22.78 -24.96
N LEU A 188 2.65 23.29 -25.94
CA LEU A 188 2.87 24.63 -26.47
C LEU A 188 1.86 25.66 -25.98
N LEU A 189 0.71 25.22 -25.47
CA LEU A 189 -0.28 26.17 -24.97
C LEU A 189 0.11 26.75 -23.62
N GLY A 190 0.82 25.99 -22.80
CA GLY A 190 1.24 26.46 -21.50
C GLY A 190 0.98 25.44 -20.40
N LYS A 191 0.70 25.93 -19.20
CA LYS A 191 0.41 25.09 -18.06
C LYS A 191 -0.89 25.53 -17.41
N PRO A 192 -1.58 24.61 -16.71
CA PRO A 192 -2.82 25.00 -16.03
C PRO A 192 -2.56 26.08 -14.99
N GLU A 193 -3.66 26.67 -14.52
CA GLU A 193 -3.60 27.71 -13.51
C GLU A 193 -3.76 27.12 -12.12
N THR A 194 -3.22 27.82 -11.13
CA THR A 194 -3.23 27.35 -9.76
C THR A 194 -4.64 27.44 -9.17
N PRO A 195 -4.93 26.64 -8.14
CA PRO A 195 -6.27 26.69 -7.55
C PRO A 195 -6.56 28.04 -6.90
N HIS A 196 -7.85 28.35 -6.82
CA HIS A 196 -8.33 29.59 -6.23
C HIS A 196 -8.58 29.42 -4.74
N PRO A 197 -8.70 30.52 -3.99
CA PRO A 197 -8.96 30.41 -2.55
C PRO A 197 -10.33 29.88 -2.21
N ASP A 198 -10.65 29.84 -0.91
CA ASP A 198 -11.95 29.40 -0.42
C ASP A 198 -12.89 30.60 -0.23
N PRO A 199 -14.19 30.36 -0.27
CA PRO A 199 -15.15 31.47 -0.19
C PRO A 199 -15.37 31.94 1.24
N ASP A 200 -16.06 33.08 1.34
CA ASP A 200 -16.43 33.67 2.63
C ASP A 200 -17.89 34.10 2.55
N PHE A 201 -18.66 33.73 3.57
CA PHE A 201 -20.09 34.05 3.63
C PHE A 201 -20.42 35.04 4.74
N SER A 202 -19.42 35.67 5.34
CA SER A 202 -19.66 36.51 6.52
C SER A 202 -20.46 37.75 6.16
N HIS A 203 -20.14 38.39 5.04
CA HIS A 203 -20.74 39.66 4.66
C HIS A 203 -21.85 39.52 3.62
N VAL A 204 -22.54 38.37 3.59
CA VAL A 204 -23.61 38.12 2.65
C VAL A 204 -24.78 37.50 3.41
N GLN A 205 -25.98 37.99 3.15
CA GLN A 205 -27.18 37.44 3.76
C GLN A 205 -27.66 36.22 2.98
N MET A 206 -28.07 35.19 3.72
CA MET A 206 -28.45 33.89 3.15
C MET A 206 -29.82 33.52 3.69
N PRO A 207 -30.89 34.08 3.13
CA PRO A 207 -32.22 33.86 3.71
C PRO A 207 -32.67 32.42 3.56
N VAL A 208 -33.42 31.96 4.56
CA VAL A 208 -33.95 30.60 4.60
C VAL A 208 -35.43 30.68 4.94
N SER A 209 -36.25 29.95 4.19
CA SER A 209 -37.69 29.95 4.37
C SER A 209 -38.12 28.99 5.47
N ASP A 210 -39.31 29.24 6.00
CA ASP A 210 -39.92 28.32 6.95
C ASP A 210 -40.31 27.02 6.23
N ASP A 211 -40.69 26.02 7.03
CA ASP A 211 -41.04 24.68 6.53
C ASP A 211 -40.18 24.32 5.32
N PHE A 212 -38.87 24.41 5.52
CA PHE A 212 -37.92 24.14 4.44
C PHE A 212 -37.85 22.64 4.13
N ASP A 213 -37.70 21.80 5.16
CA ASP A 213 -37.52 20.37 4.96
C ASP A 213 -38.74 19.70 4.35
N ASP A 214 -39.89 20.37 4.34
CA ASP A 214 -41.11 19.78 3.80
C ASP A 214 -41.31 20.07 2.31
N LYS A 215 -40.68 21.12 1.79
CA LYS A 215 -40.84 21.51 0.40
C LYS A 215 -39.55 21.45 -0.41
N PHE A 216 -38.45 22.00 0.12
CA PHE A 216 -37.19 22.05 -0.61
C PHE A 216 -36.19 21.01 -0.11
N GLY A 217 -36.67 19.93 0.49
CA GLY A 217 -35.80 18.91 1.01
C GLY A 217 -35.29 17.96 -0.07
N LEU A 218 -34.39 17.08 0.35
CA LEU A 218 -33.72 16.15 -0.55
C LEU A 218 -34.56 14.88 -0.72
N PRO A 219 -34.66 14.34 -1.93
CA PRO A 219 -35.48 13.13 -2.12
C PRO A 219 -34.84 11.88 -1.53
N THR A 220 -35.47 10.73 -1.73
CA THR A 220 -34.96 9.47 -1.24
C THR A 220 -35.09 8.40 -2.32
N LEU A 221 -34.27 7.36 -2.22
CA LEU A 221 -34.28 6.28 -3.19
C LEU A 221 -35.59 5.52 -3.19
N LYS A 222 -36.38 5.64 -2.12
CA LYS A 222 -37.60 4.86 -1.98
C LYS A 222 -38.66 5.31 -2.97
N GLU A 223 -38.73 6.62 -3.24
CA GLU A 223 -39.73 7.14 -4.18
C GLU A 223 -39.22 7.15 -5.61
N LEU A 224 -37.93 7.39 -5.82
CA LEU A 224 -37.39 7.45 -7.17
C LEU A 224 -37.52 6.13 -7.91
N GLY A 225 -37.68 5.03 -7.18
CA GLY A 225 -37.85 3.73 -7.80
C GLY A 225 -36.59 2.88 -7.89
N CYS A 226 -35.51 3.27 -7.22
CA CYS A 226 -34.26 2.52 -7.23
C CYS A 226 -34.15 1.76 -5.91
N GLU A 227 -34.27 0.44 -5.99
CA GLU A 227 -34.12 -0.45 -4.86
C GLU A 227 -33.14 -1.56 -5.24
N PRO A 228 -32.50 -2.19 -4.27
CA PRO A 228 -31.53 -3.24 -4.59
C PRO A 228 -32.16 -4.37 -5.38
N GLU A 229 -31.42 -4.86 -6.38
CA GLU A 229 -31.88 -5.96 -7.21
C GLU A 229 -31.47 -7.33 -6.66
N CYS A 230 -30.53 -7.37 -5.72
CA CYS A 230 -30.05 -8.63 -5.17
C CYS A 230 -29.46 -8.35 -3.79
N GLU A 231 -29.27 -9.44 -3.03
CA GLU A 231 -28.70 -9.31 -1.69
C GLU A 231 -27.25 -8.86 -1.71
N GLU A 232 -26.55 -9.02 -2.83
CA GLU A 232 -25.15 -8.60 -2.90
C GLU A 232 -25.02 -7.09 -2.98
N GLN A 233 -26.02 -6.40 -3.54
CA GLN A 233 -25.99 -4.95 -3.57
C GLN A 233 -26.19 -4.37 -2.17
N GLU A 234 -27.05 -4.99 -1.37
CA GLU A 234 -27.31 -4.49 -0.03
C GLU A 234 -26.06 -4.53 0.84
N LYS A 235 -25.29 -5.62 0.76
CA LYS A 235 -24.13 -5.85 1.61
C LYS A 235 -22.93 -6.21 0.74
N PRO A 236 -22.32 -5.23 0.08
CA PRO A 236 -21.14 -5.50 -0.73
C PRO A 236 -19.89 -5.66 0.12
N PHE A 237 -18.88 -6.29 -0.49
CA PHE A 237 -17.62 -6.51 0.20
C PHE A 237 -16.86 -5.21 0.42
N ASN A 238 -16.77 -4.37 -0.60
CA ASN A 238 -16.12 -3.08 -0.53
C ASN A 238 -17.17 -1.98 -0.41
N LYS A 239 -16.92 -1.04 0.49
CA LYS A 239 -17.85 0.05 0.78
C LYS A 239 -17.31 1.36 0.26
N TRP A 240 -18.20 2.16 -0.35
CA TRP A 240 -17.85 3.45 -0.92
C TRP A 240 -18.63 4.56 -0.23
N GLN A 241 -18.02 5.74 -0.15
CA GLN A 241 -18.66 6.92 0.42
C GLN A 241 -18.41 8.11 -0.51
N GLY A 242 -19.47 8.87 -0.78
CA GLY A 242 -19.37 10.06 -1.59
C GLY A 242 -19.25 11.32 -0.76
N GLY A 243 -18.58 12.31 -1.32
CA GLY A 243 -18.41 13.59 -0.67
C GLY A 243 -17.07 14.23 -1.00
N GLU A 244 -16.74 15.27 -0.24
CA GLU A 244 -15.52 16.04 -0.50
C GLU A 244 -14.45 15.75 0.55
N THR A 245 -14.87 15.58 1.81
CA THR A 245 -13.92 15.27 2.87
C THR A 245 -13.17 13.97 2.59
N GLY A 246 -13.90 12.93 2.18
CA GLY A 246 -13.25 11.69 1.80
C GLY A 246 -12.29 11.84 0.64
N ALA A 247 -12.66 12.66 -0.35
CA ALA A 247 -11.75 12.92 -1.46
C ALA A 247 -10.45 13.56 -0.98
N LEU A 248 -10.56 14.54 -0.09
CA LEU A 248 -9.35 15.20 0.41
C LEU A 248 -8.50 14.25 1.25
N GLU A 249 -9.13 13.41 2.07
CA GLU A 249 -8.38 12.42 2.84
C GLU A 249 -7.66 11.44 1.91
N LEU A 250 -8.35 10.96 0.87
CA LEU A 250 -7.72 10.06 -0.09
C LEU A 250 -6.54 10.73 -0.77
N LEU A 251 -6.67 12.01 -1.12
CA LEU A 251 -5.56 12.73 -1.74
C LEU A 251 -4.37 12.82 -0.79
N GLU A 252 -4.62 13.13 0.48
CA GLU A 252 -3.53 13.19 1.45
C GLU A 252 -2.82 11.85 1.57
N THR A 253 -3.59 10.77 1.66
CA THR A 253 -2.99 9.44 1.76
C THR A 253 -2.15 9.11 0.53
N ARG A 254 -2.68 9.41 -0.67
CA ARG A 254 -1.94 9.21 -1.90
C ARG A 254 -0.61 9.98 -1.87
N LEU A 255 -0.65 11.24 -1.45
CA LEU A 255 0.56 12.06 -1.49
C LEU A 255 1.62 11.52 -0.56
N MET A 256 1.24 11.15 0.67
CA MET A 256 2.24 10.65 1.60
C MET A 256 2.77 9.27 1.22
N ILE A 257 1.93 8.41 0.64
CA ILE A 257 2.44 7.15 0.12
C ILE A 257 3.53 7.40 -0.92
N GLU A 258 3.29 8.33 -1.85
CA GLU A 258 4.28 8.65 -2.87
C GLU A 258 5.53 9.24 -2.26
N ARG A 259 5.39 10.10 -1.23
CA ARG A 259 6.57 10.66 -0.57
C ARG A 259 7.44 9.57 0.03
N THR A 260 6.81 8.63 0.75
CA THR A 260 7.57 7.53 1.32
C THR A 260 8.24 6.68 0.24
N ALA A 261 7.53 6.39 -0.85
CA ALA A 261 8.12 5.63 -1.94
C ALA A 261 9.32 6.36 -2.56
N TYR A 262 9.20 7.67 -2.76
CA TYR A 262 10.33 8.45 -3.27
C TYR A 262 11.52 8.35 -2.35
N LYS A 263 11.29 8.47 -1.04
CA LYS A 263 12.40 8.35 -0.10
C LYS A 263 13.04 6.97 -0.18
N ALA A 264 12.23 5.93 -0.34
CA ALA A 264 12.78 4.57 -0.46
C ALA A 264 13.60 4.39 -1.73
N GLY A 265 13.27 5.09 -2.81
CA GLY A 265 14.00 4.99 -4.05
C GLY A 265 13.21 4.52 -5.24
N TYR A 266 11.90 4.76 -5.28
CA TYR A 266 11.02 4.31 -6.35
C TYR A 266 10.42 5.54 -7.04
N ILE A 267 11.01 5.92 -8.17
CA ILE A 267 10.53 7.05 -8.97
C ILE A 267 10.04 6.48 -10.30
N MET A 268 8.74 6.58 -10.54
CA MET A 268 8.08 6.08 -11.75
C MET A 268 8.61 4.69 -12.10
N PRO A 269 8.24 3.66 -11.34
CA PRO A 269 8.66 2.29 -11.68
C PRO A 269 7.63 1.58 -12.55
N ASN A 270 8.07 0.47 -13.13
CA ASN A 270 7.20 -0.33 -13.97
C ASN A 270 6.10 -0.99 -13.14
N GLN A 271 4.88 -0.97 -13.67
CA GLN A 271 3.72 -1.53 -12.99
C GLN A 271 3.35 -2.85 -13.66
N TYR A 272 3.50 -3.95 -12.93
CA TYR A 272 3.20 -5.28 -13.44
C TYR A 272 2.32 -6.11 -12.53
N ILE A 273 2.22 -5.80 -11.24
CA ILE A 273 1.48 -6.59 -10.28
C ILE A 273 0.34 -5.73 -9.74
N PRO A 274 -0.89 -5.94 -10.20
CA PRO A 274 -2.02 -5.22 -9.62
C PRO A 274 -2.52 -5.87 -8.34
N ASP A 275 -3.07 -5.04 -7.47
CA ASP A 275 -3.62 -5.49 -6.19
C ASP A 275 -5.14 -5.51 -6.31
N LEU A 276 -5.72 -6.71 -6.27
CA LEU A 276 -7.15 -6.90 -6.46
C LEU A 276 -7.88 -7.34 -5.20
N VAL A 277 -7.16 -7.69 -4.14
CA VAL A 277 -7.77 -8.18 -2.90
C VAL A 277 -7.72 -7.16 -1.78
N GLY A 278 -7.23 -5.95 -2.04
CA GLY A 278 -7.19 -4.91 -1.04
C GLY A 278 -8.07 -3.73 -1.39
N PRO A 279 -8.06 -2.71 -0.55
CA PRO A 279 -8.86 -1.51 -0.81
C PRO A 279 -8.47 -0.85 -2.12
N PRO A 280 -9.44 -0.34 -2.89
CA PRO A 280 -9.09 0.31 -4.17
C PRO A 280 -8.29 1.59 -3.99
N ARG A 281 -8.78 2.51 -3.16
CA ARG A 281 -8.15 3.81 -2.97
C ARG A 281 -8.14 4.61 -4.27
N SER A 282 -9.34 4.81 -4.84
CA SER A 282 -9.52 5.47 -6.12
C SER A 282 -10.37 6.72 -5.95
N MET A 283 -10.12 7.71 -6.80
CA MET A 283 -10.85 8.98 -6.77
C MET A 283 -11.53 9.30 -8.09
N SER A 284 -11.64 8.34 -9.02
CA SER A 284 -12.27 8.61 -10.30
C SER A 284 -13.75 8.96 -10.15
N PRO A 285 -14.55 8.28 -9.32
CA PRO A 285 -15.94 8.71 -9.14
C PRO A 285 -16.06 10.13 -8.61
N HIS A 286 -15.15 10.55 -7.73
CA HIS A 286 -15.19 11.92 -7.23
C HIS A 286 -14.81 12.93 -8.31
N LEU A 287 -13.86 12.59 -9.17
CA LEU A 287 -13.53 13.45 -10.30
C LEU A 287 -14.68 13.56 -11.28
N ARG A 288 -15.44 12.49 -11.47
CA ARG A 288 -16.55 12.53 -12.41
C ARG A 288 -17.60 13.57 -12.00
N PHE A 289 -17.95 13.61 -10.72
CA PHE A 289 -18.98 14.51 -10.24
C PHE A 289 -18.46 15.88 -9.85
N GLY A 290 -17.15 16.04 -9.71
CA GLY A 290 -16.57 17.34 -9.39
C GLY A 290 -16.34 17.59 -7.91
N ALA A 291 -16.39 16.55 -7.08
CA ALA A 291 -16.12 16.72 -5.66
C ALA A 291 -14.64 16.97 -5.39
N LEU A 292 -13.77 16.72 -6.36
CA LEU A 292 -12.35 17.02 -6.25
C LEU A 292 -11.90 17.77 -7.50
N SER A 293 -11.04 18.75 -7.31
CA SER A 293 -10.53 19.54 -8.43
C SER A 293 -9.36 18.85 -9.10
N ILE A 294 -9.30 18.95 -10.43
CA ILE A 294 -8.22 18.35 -11.19
C ILE A 294 -6.95 19.20 -11.10
N ARG A 295 -7.09 20.53 -11.08
CA ARG A 295 -5.93 21.41 -10.94
C ARG A 295 -5.23 21.21 -9.61
N LYS A 296 -6.01 21.05 -8.54
CA LYS A 296 -5.43 20.83 -7.22
C LYS A 296 -4.59 19.56 -7.18
N PHE A 297 -5.13 18.46 -7.71
CA PHE A 297 -4.37 17.22 -7.79
C PHE A 297 -3.11 17.41 -8.62
N TYR A 298 -3.25 18.02 -9.79
CA TYR A 298 -2.12 18.24 -10.69
C TYR A 298 -0.98 18.96 -9.97
N TRP A 299 -1.29 20.05 -9.28
CA TRP A 299 -0.24 20.84 -8.65
C TRP A 299 0.27 20.22 -7.35
N ASP A 300 -0.61 19.54 -6.60
CA ASP A 300 -0.16 18.86 -5.40
C ASP A 300 0.86 17.77 -5.70
N LEU A 301 0.63 17.00 -6.76
CA LEU A 301 1.62 15.98 -7.13
C LEU A 301 3.00 16.59 -7.35
N HIS A 302 3.07 17.63 -8.17
CA HIS A 302 4.37 18.21 -8.52
C HIS A 302 5.03 18.88 -7.32
N ASN A 303 4.25 19.57 -6.48
CA ASN A 303 4.83 20.20 -5.32
C ASN A 303 5.33 19.16 -4.31
N ASN A 304 4.59 18.08 -4.13
CA ASN A 304 5.06 16.99 -3.28
C ASN A 304 6.37 16.41 -3.81
N TYR A 305 6.47 16.21 -5.11
CA TYR A 305 7.72 15.70 -5.68
C TYR A 305 8.86 16.68 -5.45
N ALA A 306 8.62 17.98 -5.67
CA ALA A 306 9.69 18.95 -5.57
C ALA A 306 10.16 19.14 -4.12
N GLU A 307 9.26 19.02 -3.15
CA GLU A 307 9.66 19.19 -1.76
C GLU A 307 10.71 18.15 -1.35
N VAL A 308 10.52 16.90 -1.77
CA VAL A 308 11.44 15.84 -1.38
C VAL A 308 12.70 15.87 -2.24
N CYS A 309 12.54 15.69 -3.54
CA CYS A 309 13.66 15.65 -4.46
C CYS A 309 14.01 17.06 -4.92
N GLY A 310 14.82 17.17 -5.96
CA GLY A 310 15.26 18.46 -6.44
C GLY A 310 14.19 19.24 -7.15
N GLY A 311 14.55 20.41 -7.69
CA GLY A 311 13.61 21.27 -8.36
C GLY A 311 13.60 21.13 -9.87
N GLU A 312 13.68 19.90 -10.36
CA GLU A 312 13.63 19.61 -11.78
C GLU A 312 12.23 19.12 -12.16
N TRP A 313 11.76 19.55 -13.32
CA TRP A 313 10.41 19.20 -13.76
C TRP A 313 10.39 17.78 -14.32
N LEU A 314 9.39 17.00 -13.91
CA LEU A 314 9.20 15.63 -14.38
C LEU A 314 7.73 15.47 -14.75
N GLY A 315 7.44 15.49 -16.05
CA GLY A 315 6.07 15.43 -16.52
C GLY A 315 5.42 14.06 -16.46
N ALA A 316 6.19 13.00 -16.20
CA ALA A 316 5.62 11.67 -16.15
C ALA A 316 4.72 11.46 -14.94
N LEU A 317 4.78 12.35 -13.95
CA LEU A 317 3.97 12.18 -12.75
C LEU A 317 2.48 12.28 -13.06
N THR A 318 2.10 13.23 -13.90
CA THR A 318 0.70 13.50 -14.23
C THR A 318 0.31 12.99 -15.61
N ALA A 319 0.87 11.85 -16.00
CA ALA A 319 0.58 11.30 -17.33
C ALA A 319 -0.81 10.69 -17.40
N GLN A 320 -1.31 10.15 -16.28
CA GLN A 320 -2.63 9.54 -16.29
C GLN A 320 -3.74 10.58 -16.40
N LEU A 321 -3.52 11.76 -15.84
CA LEU A 321 -4.53 12.82 -15.90
C LEU A 321 -4.66 13.43 -17.29
N VAL A 322 -3.76 13.08 -18.22
CA VAL A 322 -3.83 13.63 -19.56
C VAL A 322 -4.66 12.77 -20.52
N TRP A 323 -4.79 11.47 -20.23
CA TRP A 323 -5.69 10.63 -21.02
C TRP A 323 -7.13 11.11 -20.89
N ARG A 324 -7.52 11.54 -19.69
CA ARG A 324 -8.86 12.06 -19.47
C ARG A 324 -9.14 13.26 -20.37
N GLU A 325 -8.22 14.23 -20.41
CA GLU A 325 -8.38 15.37 -21.28
C GLU A 325 -8.32 15.00 -22.76
N TYR A 326 -7.46 14.05 -23.12
CA TYR A 326 -7.38 13.58 -24.50
C TYR A 326 -8.71 12.99 -24.98
N PHE A 327 -9.39 12.24 -24.14
CA PHE A 327 -10.69 11.69 -24.51
C PHE A 327 -11.81 12.72 -24.41
N TYR A 328 -11.72 13.69 -23.49
CA TYR A 328 -12.73 14.73 -23.42
C TYR A 328 -12.70 15.62 -24.65
N CYS A 329 -11.51 16.08 -25.06
CA CYS A 329 -11.41 17.01 -26.17
C CYS A 329 -11.73 16.39 -27.51
N MET A 330 -11.75 15.05 -27.60
CA MET A 330 -12.06 14.39 -28.86
C MET A 330 -13.54 14.45 -29.22
N SER A 331 -14.42 14.55 -28.23
CA SER A 331 -15.86 14.64 -28.46
C SER A 331 -16.33 16.03 -28.83
N TYR A 332 -15.44 17.01 -28.87
CA TYR A 332 -15.84 18.38 -29.17
C TYR A 332 -16.47 18.45 -30.56
N GLY A 333 -17.74 18.83 -30.60
CA GLY A 333 -18.46 18.99 -31.85
C GLY A 333 -18.88 17.70 -32.52
N ASN A 334 -19.42 16.74 -31.78
CA ASN A 334 -19.85 15.46 -32.34
C ASN A 334 -20.87 14.81 -31.41
N PRO A 335 -22.16 15.12 -31.58
CA PRO A 335 -23.18 14.48 -30.74
C PRO A 335 -23.27 12.98 -30.93
N SER A 336 -22.80 12.44 -32.06
CA SER A 336 -22.85 11.01 -32.34
C SER A 336 -21.58 10.29 -31.89
N PHE A 337 -20.88 10.83 -30.89
CA PHE A 337 -19.66 10.21 -30.40
C PHE A 337 -19.91 8.89 -29.66
N ASP A 338 -21.16 8.58 -29.34
CA ASP A 338 -21.52 7.35 -28.64
C ASP A 338 -22.12 6.31 -29.57
N LYS A 339 -22.00 6.49 -30.88
CA LYS A 339 -22.55 5.58 -31.87
C LYS A 339 -21.52 5.30 -32.95
N MET A 340 -21.75 4.23 -33.70
CA MET A 340 -20.86 3.85 -34.80
C MET A 340 -21.31 4.42 -36.13
N GLU A 341 -22.61 4.67 -36.29
CA GLU A 341 -23.15 5.22 -37.53
C GLU A 341 -23.23 6.74 -37.42
N GLY A 342 -22.66 7.43 -38.39
CA GLY A 342 -22.63 8.88 -38.39
C GLY A 342 -21.48 9.50 -37.64
N ASN A 343 -20.60 8.69 -37.04
CA ASN A 343 -19.46 9.20 -36.30
C ASN A 343 -18.24 9.19 -37.21
N PRO A 344 -17.68 10.35 -37.56
CA PRO A 344 -16.58 10.35 -38.54
C PRO A 344 -15.24 9.87 -38.00
N ILE A 345 -15.08 9.77 -36.69
CA ILE A 345 -13.80 9.38 -36.10
C ILE A 345 -13.77 7.89 -35.74
N CYS A 346 -14.68 7.10 -36.31
CA CYS A 346 -14.72 5.66 -36.08
C CYS A 346 -14.80 4.93 -37.41
N LEU A 347 -14.19 3.75 -37.45
CA LEU A 347 -14.25 2.89 -38.62
C LEU A 347 -15.50 2.04 -38.59
N GLN A 348 -16.05 1.79 -39.78
CA GLN A 348 -17.25 0.98 -39.93
C GLN A 348 -16.87 -0.49 -40.04
N ILE A 349 -17.40 -1.31 -39.15
CA ILE A 349 -17.05 -2.73 -39.08
C ILE A 349 -18.33 -3.55 -39.00
N PRO A 350 -18.51 -4.59 -39.84
CA PRO A 350 -19.71 -5.42 -39.71
C PRO A 350 -19.67 -6.32 -38.47
N TRP A 351 -20.53 -6.03 -37.50
CA TRP A 351 -20.64 -6.83 -36.30
C TRP A 351 -21.83 -7.79 -36.40
N TYR A 352 -21.91 -8.70 -35.44
CA TYR A 352 -23.01 -9.63 -35.31
C TYR A 352 -23.90 -9.23 -34.13
N LYS A 353 -25.10 -9.81 -34.09
CA LYS A 353 -26.05 -9.55 -33.02
C LYS A 353 -26.67 -10.87 -32.57
N ASP A 354 -26.30 -11.32 -31.38
CA ASP A 354 -26.91 -12.47 -30.72
C ASP A 354 -27.27 -12.06 -29.30
N GLU A 355 -28.55 -12.20 -28.95
CA GLU A 355 -29.02 -11.75 -27.64
C GLU A 355 -28.62 -12.71 -26.52
N GLU A 356 -28.59 -14.01 -26.79
CA GLU A 356 -28.23 -14.97 -25.75
C GLU A 356 -26.82 -14.74 -25.26
N ALA A 357 -25.87 -14.59 -26.18
CA ALA A 357 -24.48 -14.36 -25.80
C ALA A 357 -24.33 -13.06 -25.01
N LEU A 358 -25.00 -12.00 -25.45
CA LEU A 358 -24.92 -10.72 -24.74
C LEU A 358 -25.50 -10.83 -23.34
N GLU A 359 -26.63 -11.53 -23.19
CA GLU A 359 -27.21 -11.71 -21.86
C GLU A 359 -26.30 -12.52 -20.96
N LYS A 360 -25.68 -13.58 -21.49
CA LYS A 360 -24.72 -14.34 -20.69
C LYS A 360 -23.55 -13.48 -20.27
N TRP A 361 -23.04 -12.65 -21.19
CA TRP A 361 -21.91 -11.79 -20.85
C TRP A 361 -22.29 -10.78 -19.77
N LYS A 362 -23.50 -10.22 -19.85
CA LYS A 362 -23.93 -9.24 -18.86
C LYS A 362 -24.17 -9.88 -17.50
N GLN A 363 -24.85 -11.03 -17.46
CA GLN A 363 -25.15 -11.66 -16.18
C GLN A 363 -23.89 -12.25 -15.54
N GLY A 364 -23.01 -12.84 -16.33
CA GLY A 364 -21.82 -13.48 -15.80
C GLY A 364 -21.91 -14.98 -15.85
N GLN A 365 -22.51 -15.52 -16.91
CA GLN A 365 -22.67 -16.95 -17.12
C GLN A 365 -21.93 -17.40 -18.36
N THR A 366 -20.72 -16.87 -18.57
CA THR A 366 -19.95 -17.17 -19.77
C THR A 366 -19.29 -18.53 -19.70
N GLY A 367 -18.90 -19.00 -18.52
CA GLY A 367 -18.15 -20.21 -18.37
C GLY A 367 -16.67 -20.01 -18.11
N PHE A 368 -16.18 -18.78 -18.16
CA PHE A 368 -14.79 -18.46 -17.84
C PHE A 368 -14.75 -17.70 -16.52
N PRO A 369 -14.22 -18.27 -15.45
CA PRO A 369 -14.32 -17.59 -14.14
C PRO A 369 -13.74 -16.20 -14.10
N TRP A 370 -12.65 -15.95 -14.84
CA TRP A 370 -12.03 -14.63 -14.82
C TRP A 370 -12.98 -13.54 -15.31
N ILE A 371 -13.75 -13.83 -16.36
CA ILE A 371 -14.70 -12.86 -16.89
C ILE A 371 -15.90 -12.72 -15.95
N ASP A 372 -16.42 -13.84 -15.46
CA ASP A 372 -17.61 -13.82 -14.61
C ASP A 372 -17.35 -13.05 -13.32
N ALA A 373 -16.18 -13.24 -12.71
CA ALA A 373 -15.87 -12.54 -11.48
C ALA A 373 -15.89 -11.03 -11.68
N CYS A 374 -15.27 -10.55 -12.75
CA CYS A 374 -15.25 -9.11 -13.02
C CYS A 374 -16.65 -8.57 -13.30
N MET A 375 -17.44 -9.30 -14.10
CA MET A 375 -18.78 -8.82 -14.40
C MET A 375 -19.66 -8.78 -13.16
N ARG A 376 -19.58 -9.80 -12.30
CA ARG A 376 -20.35 -9.80 -11.07
C ARG A 376 -19.88 -8.71 -10.11
N GLN A 377 -18.57 -8.45 -10.06
CA GLN A 377 -18.08 -7.33 -9.27
C GLN A 377 -18.67 -6.02 -9.75
N LEU A 378 -18.70 -5.81 -11.08
CA LEU A 378 -19.34 -4.61 -11.60
C LEU A 378 -20.80 -4.53 -11.19
N ARG A 379 -21.54 -5.63 -11.32
CA ARG A 379 -22.96 -5.60 -11.03
C ARG A 379 -23.26 -5.42 -9.53
N TYR A 380 -22.37 -5.85 -8.65
CA TYR A 380 -22.58 -5.70 -7.21
C TYR A 380 -22.07 -4.37 -6.67
N GLU A 381 -20.78 -4.05 -6.87
CA GLU A 381 -20.15 -2.89 -6.28
C GLU A 381 -20.18 -1.67 -7.19
N GLY A 382 -20.04 -1.85 -8.49
CA GLY A 382 -20.03 -0.75 -9.43
C GLY A 382 -18.67 -0.21 -9.81
N TRP A 383 -17.60 -0.93 -9.50
CA TRP A 383 -16.25 -0.50 -9.81
C TRP A 383 -15.40 -1.71 -10.16
N MET A 384 -14.42 -1.51 -11.04
CA MET A 384 -13.55 -2.58 -11.49
C MET A 384 -12.19 -2.00 -11.84
N HIS A 385 -11.17 -2.86 -11.77
CA HIS A 385 -9.82 -2.48 -12.14
C HIS A 385 -9.67 -2.40 -13.66
N HIS A 386 -8.69 -1.61 -14.09
CA HIS A 386 -8.47 -1.38 -15.52
C HIS A 386 -8.28 -2.67 -16.30
N VAL A 387 -7.50 -3.61 -15.75
CA VAL A 387 -7.21 -4.85 -16.46
C VAL A 387 -8.48 -5.64 -16.72
N GLY A 388 -9.38 -5.68 -15.75
CA GLY A 388 -10.65 -6.38 -15.95
C GLY A 388 -11.50 -5.75 -17.04
N ARG A 389 -11.57 -4.41 -17.05
CA ARG A 389 -12.35 -3.74 -18.09
C ARG A 389 -11.78 -4.03 -19.47
N HIS A 390 -10.46 -3.95 -19.61
CA HIS A 390 -9.83 -4.29 -20.90
C HIS A 390 -10.14 -5.73 -21.29
N ALA A 391 -10.03 -6.66 -20.34
CA ALA A 391 -10.26 -8.07 -20.63
C ALA A 391 -11.69 -8.30 -21.12
N VAL A 392 -12.68 -7.76 -20.41
CA VAL A 392 -14.06 -7.99 -20.81
C VAL A 392 -14.40 -7.29 -22.12
N ALA A 393 -13.89 -6.08 -22.36
CA ALA A 393 -14.13 -5.42 -23.64
C ALA A 393 -13.55 -6.22 -24.80
N CYS A 394 -12.31 -6.69 -24.66
CA CYS A 394 -11.72 -7.49 -25.73
C CYS A 394 -12.45 -8.80 -25.92
N PHE A 395 -12.90 -9.43 -24.84
CA PHE A 395 -13.67 -10.67 -24.98
C PHE A 395 -14.97 -10.43 -25.74
N LEU A 396 -15.65 -9.32 -25.45
CA LEU A 396 -16.92 -9.05 -26.13
C LEU A 396 -16.72 -8.69 -27.60
N THR A 397 -15.77 -7.82 -27.91
CA THR A 397 -15.76 -7.21 -29.25
C THR A 397 -14.89 -7.95 -30.25
N ARG A 398 -13.57 -7.96 -30.04
CA ARG A 398 -12.64 -8.46 -31.04
C ARG A 398 -11.93 -9.74 -30.63
N GLY A 399 -12.23 -10.28 -29.46
CA GLY A 399 -11.58 -11.50 -29.01
C GLY A 399 -12.28 -12.76 -29.46
N ASP A 400 -13.52 -12.97 -29.05
CA ASP A 400 -14.20 -14.24 -29.28
C ASP A 400 -15.59 -14.12 -29.89
N LEU A 401 -16.37 -13.13 -29.49
CA LEU A 401 -17.80 -13.11 -29.82
C LEU A 401 -18.14 -12.26 -31.04
N TRP A 402 -17.40 -11.18 -31.29
CA TRP A 402 -17.64 -10.33 -32.46
C TRP A 402 -18.99 -9.60 -32.34
N ILE A 403 -19.21 -8.95 -31.21
CA ILE A 403 -20.41 -8.17 -30.95
C ILE A 403 -20.02 -6.71 -30.76
N SER A 404 -20.92 -5.82 -31.14
CA SER A 404 -20.59 -4.39 -31.19
C SER A 404 -20.31 -3.82 -29.80
N TRP A 405 -19.45 -2.81 -29.76
CA TRP A 405 -19.13 -2.12 -28.53
C TRP A 405 -20.28 -1.24 -28.03
N VAL A 406 -21.19 -0.84 -28.92
CA VAL A 406 -22.33 -0.02 -28.50
C VAL A 406 -23.21 -0.79 -27.54
N ASP A 407 -23.38 -2.09 -27.76
CA ASP A 407 -24.23 -2.90 -26.89
C ASP A 407 -23.63 -3.02 -25.49
N GLY A 408 -22.30 -3.20 -25.40
CA GLY A 408 -21.66 -3.32 -24.11
C GLY A 408 -21.44 -2.00 -23.39
N LEU A 409 -21.40 -0.89 -24.13
CA LEU A 409 -21.27 0.42 -23.51
C LEU A 409 -22.47 0.76 -22.63
N GLU A 410 -23.65 0.22 -22.97
CA GLU A 410 -24.85 0.53 -22.20
C GLU A 410 -24.75 -0.02 -20.78
N ALA A 411 -24.21 -1.22 -20.62
CA ALA A 411 -24.05 -1.80 -19.28
C ALA A 411 -23.14 -0.94 -18.42
N PHE A 412 -22.02 -0.47 -18.99
CA PHE A 412 -21.12 0.40 -18.25
C PHE A 412 -21.79 1.72 -17.90
N TYR A 413 -22.52 2.31 -18.85
CA TYR A 413 -23.29 3.51 -18.54
C TYR A 413 -24.25 3.28 -17.39
N LYS A 414 -24.85 2.10 -17.31
CA LYS A 414 -25.87 1.80 -16.31
C LYS A 414 -25.30 1.50 -14.93
N TYR A 415 -24.17 0.79 -14.84
CA TYR A 415 -23.70 0.30 -13.54
C TYR A 415 -22.49 1.03 -12.97
N MET A 416 -21.60 1.57 -13.82
CA MET A 416 -20.37 2.17 -13.31
C MET A 416 -20.65 3.40 -12.45
N LEU A 417 -19.78 3.62 -11.47
CA LEU A 417 -19.83 4.83 -10.65
C LEU A 417 -19.23 6.04 -11.36
N ASP A 418 -18.35 5.81 -12.33
CA ASP A 418 -17.68 6.88 -13.07
C ASP A 418 -17.90 6.71 -14.56
N GLY A 419 -19.14 6.51 -14.96
CA GLY A 419 -19.47 6.30 -16.35
C GLY A 419 -19.55 7.58 -17.15
N ASP A 420 -18.42 8.26 -17.31
CA ASP A 420 -18.40 9.49 -18.08
C ASP A 420 -18.85 9.22 -19.51
N TRP A 421 -19.62 10.15 -20.07
CA TRP A 421 -20.22 9.95 -21.38
C TRP A 421 -19.16 9.78 -22.46
N SER A 422 -18.08 10.55 -22.39
CA SER A 422 -17.07 10.56 -23.44
C SER A 422 -15.90 9.61 -23.17
N VAL A 423 -15.44 9.54 -21.92
CA VAL A 423 -14.24 8.75 -21.62
C VAL A 423 -14.50 7.27 -21.87
N CYS A 424 -15.65 6.76 -21.44
CA CYS A 424 -15.95 5.34 -21.60
C CYS A 424 -16.06 4.96 -23.08
N ALA A 425 -16.81 5.75 -23.85
CA ALA A 425 -16.90 5.50 -25.29
C ALA A 425 -15.55 5.60 -25.97
N GLY A 426 -14.72 6.57 -25.57
CA GLY A 426 -13.39 6.66 -26.15
C GLY A 426 -12.54 5.45 -25.87
N ASN A 427 -12.57 4.96 -24.63
CA ASN A 427 -11.82 3.75 -24.30
C ASN A 427 -12.35 2.53 -25.07
N TRP A 428 -13.66 2.41 -25.22
CA TRP A 428 -14.21 1.30 -25.99
C TRP A 428 -13.73 1.36 -27.45
N MET A 429 -13.80 2.53 -28.07
CA MET A 429 -13.32 2.68 -29.44
C MET A 429 -11.80 2.56 -29.56
N TRP A 430 -11.07 2.81 -28.48
CA TRP A 430 -9.62 2.61 -28.47
C TRP A 430 -9.27 1.13 -28.43
N VAL A 431 -9.95 0.37 -27.57
CA VAL A 431 -9.66 -1.05 -27.45
C VAL A 431 -10.14 -1.81 -28.69
N SER A 432 -11.36 -1.54 -29.13
CA SER A 432 -11.87 -2.14 -30.35
C SER A 432 -11.71 -1.19 -31.52
N SER A 433 -11.99 -1.69 -32.72
CA SER A 433 -12.07 -0.92 -33.97
C SER A 433 -10.71 -0.43 -34.44
N SER A 434 -9.62 -0.69 -33.71
CA SER A 434 -8.28 -0.34 -34.17
C SER A 434 -7.77 -1.48 -35.05
N ALA A 435 -8.14 -1.41 -36.33
CA ALA A 435 -7.91 -2.53 -37.23
C ALA A 435 -6.43 -2.78 -37.48
N PHE A 436 -5.65 -1.72 -37.64
CA PHE A 436 -4.26 -1.84 -38.09
C PHE A 436 -3.29 -2.10 -36.95
N GLU A 437 -3.76 -2.23 -35.71
CA GLU A 437 -2.91 -2.57 -34.57
C GLU A 437 -3.00 -4.07 -34.34
N ASN A 438 -1.92 -4.79 -34.66
CA ASN A 438 -1.89 -6.24 -34.57
C ASN A 438 -1.49 -6.75 -33.20
N CYS A 439 -1.03 -5.87 -32.30
CA CYS A 439 -0.65 -6.33 -30.96
C CYS A 439 -1.87 -6.69 -30.13
N LEU A 440 -3.02 -6.08 -30.42
CA LEU A 440 -4.26 -6.36 -29.70
C LEU A 440 -5.00 -7.58 -30.24
N GLN A 441 -4.49 -8.21 -31.31
CA GLN A 441 -5.15 -9.34 -31.92
C GLN A 441 -4.50 -10.67 -31.57
N CYS A 442 -3.60 -10.69 -30.59
CA CYS A 442 -2.91 -11.92 -30.23
C CYS A 442 -3.80 -12.78 -29.35
N PRO A 443 -4.03 -14.05 -29.70
CA PRO A 443 -4.92 -14.89 -28.89
C PRO A 443 -4.28 -15.48 -27.65
N GLN A 444 -2.95 -15.46 -27.53
CA GLN A 444 -2.28 -16.03 -26.36
C GLN A 444 -2.18 -15.03 -25.21
N CYS A 445 -1.70 -13.82 -25.49
CA CYS A 445 -1.53 -12.82 -24.43
C CYS A 445 -2.87 -12.38 -23.87
N PHE A 446 -3.83 -12.10 -24.74
CA PHE A 446 -5.18 -11.70 -24.31
C PHE A 446 -6.11 -12.91 -24.38
N SER A 447 -5.86 -13.86 -23.49
CA SER A 447 -6.68 -15.05 -23.36
C SER A 447 -7.42 -15.03 -22.03
N PRO A 448 -8.66 -15.54 -21.99
CA PRO A 448 -9.40 -15.53 -20.72
C PRO A 448 -8.90 -16.53 -19.70
N VAL A 449 -7.79 -17.22 -19.97
CA VAL A 449 -7.21 -18.16 -19.02
C VAL A 449 -5.83 -17.69 -18.59
N LEU A 450 -4.94 -17.47 -19.56
CA LEU A 450 -3.57 -17.09 -19.24
C LEU A 450 -3.51 -15.70 -18.62
N TYR A 451 -4.29 -14.76 -19.15
CA TYR A 451 -4.32 -13.41 -18.58
C TYR A 451 -4.81 -13.42 -17.14
N GLY A 452 -5.86 -14.21 -16.86
CA GLY A 452 -6.32 -14.34 -15.50
C GLY A 452 -5.30 -14.99 -14.58
N MET A 453 -4.62 -16.02 -15.06
CA MET A 453 -3.54 -16.63 -14.28
C MET A 453 -2.48 -15.60 -13.95
N ARG A 454 -2.10 -14.78 -14.93
CA ARG A 454 -1.06 -13.78 -14.71
C ARG A 454 -1.51 -12.73 -13.69
N MET A 455 -2.75 -12.27 -13.78
CA MET A 455 -3.21 -11.18 -12.94
C MET A 455 -3.79 -11.64 -11.60
N ASP A 456 -3.95 -12.94 -11.38
CA ASP A 456 -4.49 -13.47 -10.13
C ASP A 456 -3.85 -14.82 -9.86
N PRO A 457 -2.55 -14.83 -9.53
CA PRO A 457 -1.86 -16.11 -9.32
C PRO A 457 -2.44 -16.95 -8.18
N THR A 458 -2.96 -16.33 -7.13
CA THR A 458 -3.46 -17.06 -5.97
C THR A 458 -4.88 -17.57 -6.18
N GLY A 459 -5.76 -16.77 -6.80
CA GLY A 459 -7.13 -17.17 -7.02
C GLY A 459 -8.12 -16.68 -5.97
N GLU A 460 -7.70 -15.80 -5.07
CA GLU A 460 -8.60 -15.31 -4.04
C GLU A 460 -9.69 -14.42 -4.63
N PHE A 461 -9.30 -13.53 -5.55
CA PHE A 461 -10.27 -12.66 -6.20
C PHE A 461 -11.31 -13.47 -6.96
N THR A 462 -10.88 -14.51 -7.69
CA THR A 462 -11.80 -15.33 -8.45
C THR A 462 -12.74 -16.11 -7.53
N ARG A 463 -12.22 -16.65 -6.43
CA ARG A 463 -13.05 -17.41 -5.50
C ARG A 463 -13.99 -16.53 -4.69
N ARG A 464 -13.68 -15.24 -4.53
CA ARG A 464 -14.55 -14.36 -3.78
C ARG A 464 -15.89 -14.14 -4.50
N TYR A 465 -15.85 -13.99 -5.82
CA TYR A 465 -17.05 -13.68 -6.59
C TYR A 465 -17.64 -14.88 -7.33
N VAL A 466 -16.94 -16.03 -7.33
CA VAL A 466 -17.49 -17.26 -7.87
C VAL A 466 -17.38 -18.33 -6.80
N PRO A 467 -18.26 -18.33 -5.79
CA PRO A 467 -18.12 -19.30 -4.69
C PRO A 467 -18.27 -20.74 -5.11
N GLN A 468 -18.87 -21.01 -6.27
CA GLN A 468 -19.06 -22.39 -6.72
C GLN A 468 -17.75 -23.12 -6.88
N LEU A 469 -16.65 -22.41 -7.11
CA LEU A 469 -15.33 -22.99 -7.32
C LEU A 469 -14.42 -22.78 -6.11
N LYS A 470 -15.01 -22.73 -4.91
CA LYS A 470 -14.21 -22.46 -3.72
C LYS A 470 -13.25 -23.59 -3.40
N ASN A 471 -13.69 -24.84 -3.55
CA ASN A 471 -12.88 -26.00 -3.22
C ASN A 471 -12.16 -26.59 -4.43
N MET A 472 -12.27 -25.96 -5.59
CA MET A 472 -11.60 -26.46 -6.78
C MET A 472 -10.10 -26.18 -6.69
N PRO A 473 -9.25 -27.15 -7.01
CA PRO A 473 -7.80 -26.89 -6.96
C PRO A 473 -7.39 -25.78 -7.91
N LEU A 474 -6.34 -25.04 -7.52
CA LEU A 474 -5.85 -23.94 -8.31
C LEU A 474 -5.40 -24.38 -9.70
N LYS A 475 -5.08 -25.65 -9.88
CA LYS A 475 -4.64 -26.13 -11.18
C LYS A 475 -5.76 -26.04 -12.21
N TYR A 476 -7.00 -26.36 -11.81
CA TYR A 476 -8.14 -26.36 -12.70
C TYR A 476 -9.11 -25.22 -12.42
N LEU A 477 -8.69 -24.23 -11.63
CA LEU A 477 -9.60 -23.15 -11.26
C LEU A 477 -10.03 -22.36 -12.49
N PHE A 478 -9.12 -22.07 -13.40
CA PHE A 478 -9.43 -21.32 -14.61
C PHE A 478 -9.83 -22.22 -15.79
N GLN A 479 -9.81 -23.54 -15.62
CA GLN A 479 -10.24 -24.49 -16.64
C GLN A 479 -11.06 -25.59 -16.00
N PRO A 480 -12.24 -25.25 -15.46
CA PRO A 480 -13.02 -26.26 -14.73
C PRO A 480 -13.47 -27.43 -15.58
N TRP A 481 -13.54 -27.27 -16.90
CA TRP A 481 -14.04 -28.32 -17.78
C TRP A 481 -12.99 -29.35 -18.15
N LYS A 482 -11.72 -29.10 -17.85
CA LYS A 482 -10.65 -30.05 -18.11
C LYS A 482 -10.35 -30.95 -16.92
N ALA A 483 -11.09 -30.84 -15.83
CA ALA A 483 -10.87 -31.64 -14.65
C ALA A 483 -11.57 -32.99 -14.76
N PRO A 484 -11.01 -34.04 -14.16
CA PRO A 484 -11.72 -35.33 -14.14
C PRO A 484 -12.98 -35.28 -13.29
N LYS A 485 -13.75 -36.36 -13.37
CA LYS A 485 -15.02 -36.41 -12.66
C LYS A 485 -14.82 -36.55 -11.15
N GLU A 486 -13.79 -37.29 -10.72
CA GLU A 486 -13.54 -37.43 -9.29
C GLU A 486 -13.22 -36.08 -8.65
N VAL A 487 -12.41 -35.26 -9.33
CA VAL A 487 -12.09 -33.95 -8.81
C VAL A 487 -13.35 -33.10 -8.69
N GLN A 488 -14.22 -33.17 -9.70
CA GLN A 488 -15.48 -32.41 -9.65
C GLN A 488 -16.34 -32.87 -8.48
N GLU A 489 -16.45 -34.18 -8.28
CA GLU A 489 -17.26 -34.69 -7.18
C GLU A 489 -16.71 -34.26 -5.83
N LYS A 490 -15.39 -34.37 -5.65
CA LYS A 490 -14.77 -33.95 -4.40
C LYS A 490 -14.99 -32.45 -4.16
N ALA A 491 -14.77 -31.63 -5.18
CA ALA A 491 -14.93 -30.19 -5.05
C ALA A 491 -16.40 -29.77 -4.95
N GLY A 492 -17.33 -30.68 -5.19
CA GLY A 492 -18.74 -30.33 -5.15
C GLY A 492 -19.17 -29.39 -6.25
N CYS A 493 -18.64 -29.56 -7.46
CA CYS A 493 -19.00 -28.72 -8.60
C CYS A 493 -18.96 -29.58 -9.85
N VAL A 494 -20.12 -30.08 -10.26
CA VAL A 494 -20.27 -30.81 -11.51
C VAL A 494 -20.52 -29.79 -12.61
N ILE A 495 -19.60 -29.74 -13.59
CA ILE A 495 -19.73 -28.78 -14.67
C ILE A 495 -20.93 -29.16 -15.54
N GLY A 496 -21.80 -28.18 -15.79
CA GLY A 496 -23.03 -28.38 -16.53
C GLY A 496 -24.28 -28.28 -15.68
N GLU A 497 -24.17 -28.51 -14.38
CA GLU A 497 -25.30 -28.39 -13.46
C GLU A 497 -25.08 -27.32 -12.40
N ASP A 498 -23.91 -27.34 -11.75
CA ASP A 498 -23.60 -26.35 -10.71
C ASP A 498 -22.88 -25.14 -11.28
N TYR A 499 -22.14 -25.29 -12.38
CA TYR A 499 -21.44 -24.20 -13.02
C TYR A 499 -21.58 -24.41 -14.53
N PRO A 500 -21.92 -23.37 -15.29
CA PRO A 500 -22.18 -23.57 -16.71
C PRO A 500 -20.93 -23.98 -17.49
N SER A 501 -21.17 -24.71 -18.58
CA SER A 501 -20.11 -25.08 -19.49
C SER A 501 -19.69 -23.88 -20.34
N PRO A 502 -18.47 -23.92 -20.90
CA PRO A 502 -18.02 -22.77 -21.69
C PRO A 502 -18.91 -22.52 -22.90
N MET A 503 -19.10 -21.24 -23.20
CA MET A 503 -20.01 -20.81 -24.25
C MET A 503 -19.38 -20.78 -25.64
N VAL A 504 -18.06 -20.97 -25.75
CA VAL A 504 -17.39 -20.91 -27.03
C VAL A 504 -16.00 -21.51 -26.91
N ASP A 505 -15.47 -22.02 -28.03
CA ASP A 505 -14.11 -22.52 -28.08
C ASP A 505 -13.19 -21.39 -28.54
N HIS A 506 -12.23 -21.03 -27.69
CA HIS A 506 -11.40 -19.86 -27.95
C HIS A 506 -10.57 -20.04 -29.21
N LYS A 507 -10.01 -21.24 -29.41
CA LYS A 507 -9.13 -21.47 -30.56
C LYS A 507 -9.86 -21.23 -31.88
N GLU A 508 -11.09 -21.73 -31.99
CA GLU A 508 -11.85 -21.57 -33.23
C GLU A 508 -12.35 -20.15 -33.40
N ALA A 509 -12.83 -19.53 -32.33
CA ALA A 509 -13.38 -18.17 -32.43
C ALA A 509 -12.30 -17.17 -32.81
N SER A 510 -11.10 -17.30 -32.22
CA SER A 510 -10.02 -16.36 -32.50
C SER A 510 -9.62 -16.35 -33.97
N SER A 511 -9.51 -17.52 -34.61
CA SER A 511 -9.10 -17.56 -36.01
C SER A 511 -10.11 -16.88 -36.92
N LYS A 512 -11.41 -17.14 -36.71
CA LYS A 512 -12.41 -16.51 -37.55
C LYS A 512 -12.48 -15.00 -37.31
N CYS A 513 -12.30 -14.57 -36.06
CA CYS A 513 -12.27 -13.13 -35.80
C CYS A 513 -11.07 -12.47 -36.47
N ARG A 514 -9.91 -13.14 -36.43
CA ARG A 514 -8.73 -12.62 -37.10
C ARG A 514 -8.95 -12.51 -38.61
N ARG A 515 -9.56 -13.53 -39.21
CA ARG A 515 -9.86 -13.48 -40.64
C ARG A 515 -10.82 -12.34 -40.96
N MET A 516 -11.86 -12.16 -40.15
CA MET A 516 -12.82 -11.10 -40.40
C MET A 516 -12.16 -9.72 -40.30
N MET A 517 -11.29 -9.53 -39.32
CA MET A 517 -10.59 -8.25 -39.21
C MET A 517 -9.58 -8.04 -40.34
N GLU A 518 -8.94 -9.12 -40.81
CA GLU A 518 -8.07 -9.01 -41.98
C GLU A 518 -8.86 -8.57 -43.21
N ASP A 519 -10.09 -9.05 -43.35
CA ASP A 519 -10.94 -8.57 -44.43
C ASP A 519 -11.24 -7.07 -44.30
N VAL A 520 -11.48 -6.60 -43.08
CA VAL A 520 -11.70 -5.17 -42.87
C VAL A 520 -10.47 -4.38 -43.29
N LYS A 521 -9.28 -4.86 -42.89
CA LYS A 521 -8.05 -4.18 -43.30
C LYS A 521 -7.89 -4.18 -44.81
N SER A 522 -8.19 -5.29 -45.48
CA SER A 522 -8.09 -5.34 -46.93
C SER A 522 -9.01 -4.32 -47.58
N ILE A 523 -10.25 -4.23 -47.08
CA ILE A 523 -11.19 -3.26 -47.62
C ILE A 523 -10.68 -1.84 -47.41
N ILE A 524 -10.15 -1.55 -46.22
CA ILE A 524 -9.65 -0.21 -45.90
C ILE A 524 -8.15 -0.23 -46.19
N LYS A 525 -7.81 0.17 -47.42
CA LYS A 525 -6.43 0.04 -47.89
C LYS A 525 -5.49 0.97 -47.12
N ASP A 526 -5.84 2.24 -47.03
CA ASP A 526 -4.94 3.24 -46.48
C ASP A 526 -4.74 3.01 -44.99
N PRO A 527 -3.50 2.83 -44.51
CA PRO A 527 -3.29 2.75 -43.05
C PRO A 527 -3.30 4.09 -42.36
N GLU A 528 -3.18 5.20 -43.09
CA GLU A 528 -3.08 6.52 -42.52
C GLU A 528 -4.41 7.26 -42.45
N VAL A 529 -5.53 6.52 -42.30
CA VAL A 529 -6.82 7.17 -42.20
C VAL A 529 -6.92 7.87 -40.85
N TRP A 530 -7.77 8.89 -40.78
CA TRP A 530 -7.98 9.66 -39.57
C TRP A 530 -8.98 8.94 -38.67
N HIS A 531 -8.49 8.30 -37.62
CA HIS A 531 -9.36 7.60 -36.67
C HIS A 531 -8.61 7.41 -35.37
N CYS A 532 -9.36 7.18 -34.31
CA CYS A 532 -8.78 6.95 -32.99
C CYS A 532 -8.03 5.63 -32.99
N THR A 533 -6.75 5.67 -32.62
CA THR A 533 -5.89 4.50 -32.67
C THR A 533 -4.73 4.69 -31.71
N PRO A 534 -4.10 3.61 -31.26
CA PRO A 534 -2.87 3.75 -30.49
C PRO A 534 -1.71 4.26 -31.35
N SER A 535 -0.71 4.80 -30.67
CA SER A 535 0.45 5.38 -31.35
C SER A 535 1.42 4.29 -31.80
N ASP A 536 1.87 3.46 -30.86
CA ASP A 536 2.85 2.41 -31.16
C ASP A 536 2.52 1.19 -30.32
N THR A 537 3.37 0.16 -30.44
CA THR A 537 3.14 -1.09 -29.72
C THR A 537 3.46 -0.94 -28.23
N ASN A 538 4.53 -0.22 -27.90
CA ASN A 538 4.87 0.01 -26.50
C ASN A 538 3.75 0.69 -25.74
N GLU A 539 3.04 1.62 -26.39
CA GLU A 539 1.88 2.25 -25.77
C GLU A 539 0.82 1.22 -25.40
N VAL A 540 0.54 0.28 -26.30
CA VAL A 540 -0.42 -0.78 -26.00
C VAL A 540 0.07 -1.65 -24.85
N ARG A 541 1.33 -2.06 -24.90
CA ARG A 541 1.86 -2.95 -23.86
C ARG A 541 1.78 -2.29 -22.48
N LYS A 542 2.09 -1.00 -22.41
CA LYS A 542 1.97 -0.30 -21.13
C LYS A 542 0.52 -0.09 -20.74
N PHE A 543 -0.35 0.15 -21.72
CA PHE A 543 -1.78 0.30 -21.45
C PHE A 543 -2.36 -0.97 -20.83
N CYS A 544 -1.85 -2.13 -21.23
CA CYS A 544 -2.39 -3.41 -20.77
C CYS A 544 -1.53 -4.06 -19.68
N TRP A 545 -0.56 -3.34 -19.12
CA TRP A 545 0.24 -3.83 -18.01
C TRP A 545 1.03 -5.09 -18.38
N LEU A 546 1.74 -5.01 -19.50
CA LEU A 546 2.56 -6.11 -20.00
C LEU A 546 3.95 -5.62 -20.32
N PRO A 547 4.96 -6.50 -20.27
CA PRO A 547 6.32 -6.08 -20.59
C PRO A 547 6.46 -5.63 -22.04
N GLU A 548 7.45 -4.77 -22.27
CA GLU A 548 7.75 -4.24 -23.59
C GLU A 548 8.62 -5.21 -24.39
N HIS A 549 9.82 -5.49 -23.89
CA HIS A 549 10.76 -6.36 -24.59
C HIS A 549 10.36 -7.82 -24.44
N MET A 550 10.95 -8.67 -25.28
CA MET A 550 10.66 -10.09 -25.25
C MET A 550 11.16 -10.71 -23.95
N THR A 551 10.42 -11.69 -23.46
CA THR A 551 10.75 -12.37 -22.21
C THR A 551 10.55 -13.87 -22.38
N ALA A 552 11.10 -14.63 -21.44
CA ALA A 552 10.99 -16.08 -21.47
C ALA A 552 9.57 -16.55 -21.15
N ASP A 553 8.72 -15.68 -20.61
CA ASP A 553 7.35 -16.03 -20.26
C ASP A 553 6.35 -15.35 -21.21
N GLN A 554 6.71 -15.30 -22.50
CA GLN A 554 5.87 -14.67 -23.51
C GLN A 554 5.36 -15.73 -24.47
N PRO A 555 4.08 -16.12 -24.39
CA PRO A 555 3.54 -17.11 -25.33
C PRO A 555 3.22 -16.48 -26.68
N CYS A 556 4.04 -16.78 -27.68
CA CYS A 556 3.87 -16.21 -29.01
C CYS A 556 3.93 -14.68 -28.95
N GLU B 31 19.42 24.94 40.90
CA GLU B 31 20.63 24.81 41.70
C GLU B 31 21.28 23.46 41.47
N HIS B 32 21.43 23.08 40.22
CA HIS B 32 22.02 21.79 39.83
C HIS B 32 22.77 21.92 38.52
N VAL B 33 23.70 21.00 38.31
CA VAL B 33 24.41 20.85 37.05
C VAL B 33 24.13 19.41 36.59
N SER B 34 23.12 19.25 35.75
CA SER B 34 22.64 17.93 35.39
C SER B 34 23.34 17.41 34.14
N LEU B 35 23.42 16.08 34.04
CA LEU B 35 24.01 15.41 32.90
C LEU B 35 23.11 14.25 32.49
N HIS B 36 22.69 14.24 31.23
CA HIS B 36 21.92 13.14 30.68
C HIS B 36 22.81 12.31 29.76
N TRP B 37 22.84 11.00 30.03
CA TRP B 37 23.69 10.07 29.30
C TRP B 37 22.85 9.33 28.27
N PHE B 38 23.22 9.47 26.99
CA PHE B 38 22.52 8.83 25.89
C PHE B 38 23.19 7.50 25.57
N ARG B 39 22.47 6.40 25.80
CA ARG B 39 22.90 5.07 25.41
C ARG B 39 21.92 4.42 24.44
N HIS B 40 20.66 4.33 24.84
CA HIS B 40 19.53 4.07 23.95
C HIS B 40 18.54 5.23 24.11
N GLY B 41 17.41 5.12 23.44
CA GLY B 41 16.41 6.17 23.53
C GLY B 41 16.90 7.48 22.95
N LEU B 42 17.48 7.41 21.75
CA LEU B 42 18.01 8.60 21.07
C LEU B 42 16.85 9.41 20.50
N ARG B 43 16.19 10.14 21.40
CA ARG B 43 15.04 10.95 21.02
C ARG B 43 14.83 12.02 22.07
N LEU B 44 13.97 12.99 21.73
CA LEU B 44 13.58 14.05 22.66
C LEU B 44 12.12 13.98 23.07
N HIS B 45 11.27 13.25 22.35
CA HIS B 45 9.87 13.12 22.69
C HIS B 45 9.66 11.92 23.61
N ASP B 46 8.81 12.09 24.61
CA ASP B 46 8.48 11.04 25.58
C ASP B 46 9.75 10.52 26.25
N ASN B 47 10.41 11.41 26.99
CA ASN B 47 11.67 11.12 27.66
C ASN B 47 11.63 11.71 29.06
N PRO B 48 11.00 11.01 30.01
CA PRO B 48 10.88 11.57 31.37
C PRO B 48 12.22 11.84 32.04
N ALA B 49 13.21 10.98 31.83
CA ALA B 49 14.52 11.20 32.43
C ALA B 49 15.13 12.51 31.96
N LEU B 50 14.98 12.83 30.68
CA LEU B 50 15.45 14.11 30.17
C LEU B 50 14.68 15.26 30.80
N LEU B 51 13.36 15.11 30.93
CA LEU B 51 12.55 16.16 31.54
C LEU B 51 12.96 16.42 32.99
N LYS B 52 13.43 15.39 33.68
CA LYS B 52 13.83 15.56 35.08
C LYS B 52 15.17 16.28 35.22
N SER B 53 16.00 16.27 34.18
CA SER B 53 17.31 16.92 34.20
C SER B 53 17.24 18.39 33.86
N LEU B 54 16.05 18.93 33.54
CA LEU B 54 15.89 20.32 33.20
C LEU B 54 15.23 21.15 34.29
N GLU B 55 14.50 20.53 35.20
CA GLU B 55 13.83 21.27 36.27
C GLU B 55 14.79 21.52 37.42
N GLY B 56 14.88 22.77 37.86
CA GLY B 56 15.81 23.13 38.92
C GLY B 56 17.26 22.93 38.51
N ALA B 57 17.60 23.24 37.26
CA ALA B 57 18.93 23.04 36.73
C ALA B 57 19.50 24.37 36.26
N LYS B 58 20.74 24.65 36.64
CA LYS B 58 21.44 25.85 36.19
C LYS B 58 22.18 25.61 34.88
N GLU B 59 22.75 24.42 34.71
CA GLU B 59 23.46 24.05 33.49
C GLU B 59 23.03 22.66 33.06
N PHE B 60 23.16 22.39 31.77
CA PHE B 60 22.76 21.11 31.20
C PHE B 60 23.78 20.65 30.18
N TYR B 61 24.10 19.36 30.22
CA TYR B 61 25.02 18.73 29.29
C TYR B 61 24.42 17.46 28.73
N ALA B 62 24.55 17.25 27.42
CA ALA B 62 24.14 16.03 26.75
C ALA B 62 25.39 15.27 26.31
N LEU B 63 25.42 13.97 26.60
CA LEU B 63 26.62 13.17 26.44
C LEU B 63 26.32 11.83 25.79
N PHE B 64 27.24 11.39 24.92
CA PHE B 64 27.27 10.04 24.39
C PHE B 64 28.70 9.54 24.46
N ILE B 65 28.89 8.33 24.99
CA ILE B 65 30.22 7.75 25.19
C ILE B 65 30.41 6.62 24.19
N TRP B 66 31.51 6.68 23.44
CA TRP B 66 31.88 5.64 22.49
C TRP B 66 32.90 4.72 23.16
N ASP B 67 32.47 3.50 23.50
CA ASP B 67 33.29 2.58 24.26
C ASP B 67 33.57 1.26 23.55
N GLY B 68 32.98 1.02 22.38
CA GLY B 68 33.22 -0.21 21.65
C GLY B 68 32.24 -1.32 21.90
N GLU B 69 31.33 -1.16 22.86
CA GLU B 69 30.30 -2.15 23.15
C GLU B 69 28.89 -1.60 23.12
N VAL B 70 28.72 -0.28 23.23
CA VAL B 70 27.40 0.32 23.32
C VAL B 70 26.69 0.23 21.97
N ALA B 71 25.41 -0.13 22.00
CA ALA B 71 24.55 -0.16 20.82
C ALA B 71 25.04 -1.17 19.79
N GLY B 72 25.57 -2.30 20.24
CA GLY B 72 25.97 -3.36 19.35
C GLY B 72 27.04 -2.96 18.36
N THR B 73 28.09 -2.31 18.86
CA THR B 73 29.17 -1.82 18.00
C THR B 73 30.33 -2.80 17.89
N LYS B 74 30.45 -3.75 18.82
CA LYS B 74 31.57 -4.70 18.76
C LYS B 74 31.46 -5.62 17.55
N LEU B 75 30.30 -6.23 17.36
CA LEU B 75 30.05 -7.15 16.23
C LEU B 75 29.04 -6.47 15.32
N VAL B 76 29.55 -5.76 14.31
CA VAL B 76 28.72 -4.88 13.48
C VAL B 76 29.31 -4.84 12.08
N SER B 77 28.54 -4.27 11.14
CA SER B 77 28.95 -4.11 9.76
C SER B 77 28.57 -2.71 9.29
N TYR B 78 28.80 -2.47 7.99
CA TYR B 78 28.63 -1.14 7.42
C TYR B 78 27.19 -0.64 7.46
N PRO B 79 26.18 -1.44 7.09
CA PRO B 79 24.80 -0.90 7.06
C PRO B 79 24.34 -0.32 8.39
N ARG B 80 24.42 -1.09 9.47
CA ARG B 80 23.93 -0.60 10.76
C ARG B 80 24.78 0.53 11.32
N MET B 81 26.08 0.55 11.01
CA MET B 81 26.91 1.69 11.40
C MET B 81 26.41 2.97 10.75
N LYS B 82 26.08 2.91 9.45
CA LYS B 82 25.49 4.07 8.80
C LYS B 82 24.22 4.53 9.53
N PHE B 83 23.35 3.57 9.87
CA PHE B 83 22.10 3.91 10.55
C PHE B 83 22.36 4.62 11.88
N LEU B 84 23.28 4.07 12.67
CA LEU B 84 23.58 4.66 13.97
C LEU B 84 24.15 6.07 13.83
N LEU B 85 25.09 6.25 12.89
CA LEU B 85 25.66 7.58 12.70
C LEU B 85 24.62 8.58 12.23
N GLU B 86 23.72 8.17 11.33
CA GLU B 86 22.64 9.05 10.91
C GLU B 86 21.75 9.44 12.09
N CYS B 87 21.42 8.48 12.96
CA CYS B 87 20.60 8.79 14.11
C CYS B 87 21.29 9.80 15.03
N LEU B 88 22.59 9.61 15.29
CA LEU B 88 23.30 10.55 16.14
C LEU B 88 23.36 11.95 15.52
N LYS B 89 23.59 12.02 14.21
CA LYS B 89 23.61 13.31 13.54
C LYS B 89 22.25 14.00 13.62
N ASP B 90 21.18 13.23 13.44
CA ASP B 90 19.84 13.80 13.58
C ASP B 90 19.62 14.34 14.99
N LEU B 91 20.07 13.60 16.00
CA LEU B 91 19.92 14.06 17.38
C LEU B 91 20.66 15.37 17.61
N ASP B 92 21.91 15.46 17.12
CA ASP B 92 22.67 16.69 17.29
C ASP B 92 22.01 17.85 16.55
N ASP B 93 21.51 17.61 15.34
CA ASP B 93 20.82 18.67 14.61
C ASP B 93 19.58 19.14 15.35
N SER B 94 18.82 18.22 15.92
CA SER B 94 17.65 18.60 16.71
C SER B 94 18.05 19.44 17.92
N LEU B 95 19.12 19.05 18.61
CA LEU B 95 19.58 19.83 19.75
C LEU B 95 20.08 21.22 19.35
N LYS B 96 20.65 21.37 18.16
CA LYS B 96 21.17 22.67 17.75
C LYS B 96 20.07 23.72 17.62
N LYS B 97 18.82 23.32 17.42
CA LYS B 97 17.74 24.29 17.29
C LYS B 97 17.55 25.08 18.59
N HIS B 98 17.54 24.39 19.73
CA HIS B 98 17.33 25.03 21.02
C HIS B 98 18.57 25.72 21.55
N GLY B 99 19.72 25.56 20.91
CA GLY B 99 20.94 26.22 21.34
C GLY B 99 21.88 25.32 22.12
N GLY B 100 22.03 24.07 21.67
CA GLY B 100 22.91 23.14 22.34
C GLY B 100 23.52 22.16 21.37
N ARG B 101 24.54 21.44 21.85
CA ARG B 101 25.26 20.46 21.06
C ARG B 101 25.29 19.13 21.80
N LEU B 102 25.79 18.10 21.12
CA LEU B 102 25.95 16.77 21.67
C LEU B 102 27.44 16.45 21.78
N TYR B 103 27.89 16.13 22.98
CA TYR B 103 29.28 15.75 23.22
C TYR B 103 29.46 14.27 22.97
N VAL B 104 30.53 13.92 22.27
CA VAL B 104 30.92 12.53 22.04
C VAL B 104 32.34 12.35 22.56
N VAL B 105 32.53 11.37 23.43
CA VAL B 105 33.81 11.09 24.06
C VAL B 105 34.15 9.62 23.86
N LYS B 106 35.43 9.34 23.64
CA LYS B 106 35.91 7.99 23.40
C LYS B 106 36.69 7.51 24.62
N GLY B 107 36.24 6.41 25.21
CA GLY B 107 36.91 5.83 26.35
C GLY B 107 35.96 5.12 27.30
N PRO B 108 36.51 4.44 28.31
CA PRO B 108 35.67 3.74 29.27
C PRO B 108 34.77 4.70 30.05
N SER B 109 33.56 4.23 30.33
CA SER B 109 32.58 5.05 31.04
C SER B 109 33.02 5.36 32.46
N ASP B 110 33.56 4.38 33.17
CA ASP B 110 33.93 4.56 34.58
C ASP B 110 35.04 5.59 34.77
N VAL B 111 35.80 5.91 33.74
CA VAL B 111 36.77 7.00 33.80
C VAL B 111 36.24 8.28 33.18
N VAL B 112 35.48 8.20 32.08
CA VAL B 112 34.96 9.40 31.44
C VAL B 112 34.02 10.13 32.39
N ILE B 113 33.14 9.41 33.07
CA ILE B 113 32.19 10.05 33.98
C ILE B 113 32.93 10.78 35.09
N LYS B 114 33.96 10.15 35.66
CA LYS B 114 34.71 10.77 36.74
C LYS B 114 35.46 12.01 36.25
N GLN B 115 36.08 11.92 35.07
CA GLN B 115 36.76 13.07 34.51
C GLN B 115 35.79 14.23 34.33
N LEU B 116 34.61 13.97 33.76
CA LEU B 116 33.65 15.04 33.52
C LEU B 116 33.11 15.60 34.82
N ILE B 117 32.91 14.76 35.83
CA ILE B 117 32.46 15.25 37.12
C ILE B 117 33.49 16.18 37.74
N GLU B 118 34.77 15.80 37.67
CA GLU B 118 35.80 16.65 38.27
C GLU B 118 36.05 17.91 37.46
N GLU B 119 35.75 17.89 36.17
CA GLU B 119 35.99 19.07 35.34
C GLU B 119 34.81 20.04 35.39
N TRP B 120 33.63 19.58 34.96
CA TRP B 120 32.47 20.46 34.87
C TRP B 120 31.90 20.82 36.24
N GLY B 121 31.81 19.84 37.14
CA GLY B 121 31.20 20.07 38.44
C GLY B 121 29.77 19.56 38.50
N VAL B 122 29.56 18.34 38.00
CA VAL B 122 28.23 17.77 37.89
C VAL B 122 27.74 17.32 39.26
N THR B 123 26.44 17.46 39.48
CA THR B 123 25.80 17.05 40.73
C THR B 123 24.67 16.04 40.53
N ARG B 124 24.22 15.81 39.30
CA ARG B 124 23.12 14.89 39.05
C ARG B 124 23.30 14.24 37.69
N VAL B 125 23.08 12.92 37.63
CA VAL B 125 23.17 12.15 36.41
C VAL B 125 21.84 11.43 36.21
N THR B 126 21.28 11.55 35.00
CA THR B 126 20.02 10.90 34.64
C THR B 126 20.24 10.02 33.43
N CYS B 127 19.52 8.90 33.40
CA CYS B 127 19.66 7.94 32.32
C CYS B 127 18.38 7.13 32.17
N GLU B 128 18.33 6.36 31.10
CA GLU B 128 17.28 5.37 30.87
C GLU B 128 17.83 3.98 31.11
N ILE B 129 16.94 3.08 31.52
CA ILE B 129 17.32 1.73 31.93
C ILE B 129 17.48 0.84 30.71
N ASP B 130 18.50 -0.03 30.76
CA ASP B 130 18.66 -1.09 29.78
C ASP B 130 18.23 -2.40 30.42
N PRO B 131 17.11 -3.00 30.00
CA PRO B 131 16.59 -4.16 30.75
C PRO B 131 17.38 -5.43 30.56
N GLU B 132 18.17 -5.55 29.50
CA GLU B 132 18.89 -6.79 29.26
C GLU B 132 19.95 -7.02 30.33
N PRO B 133 20.24 -8.28 30.67
CA PRO B 133 21.18 -8.56 31.76
C PRO B 133 22.64 -8.30 31.40
N ILE B 134 22.97 -8.13 30.12
CA ILE B 134 24.37 -7.90 29.73
C ILE B 134 24.82 -6.47 29.97
N TRP B 135 23.91 -5.56 30.27
CA TRP B 135 24.24 -4.17 30.51
C TRP B 135 24.27 -3.80 31.98
N GLN B 136 24.13 -4.77 32.87
CA GLN B 136 24.01 -4.50 34.30
C GLN B 136 25.35 -4.15 34.93
N PRO B 137 26.39 -4.98 34.79
CA PRO B 137 27.67 -4.63 35.44
C PRO B 137 28.24 -3.30 35.00
N ARG B 138 27.90 -2.82 33.80
CA ARG B 138 28.33 -1.49 33.38
C ARG B 138 27.71 -0.42 34.28
N ASP B 139 26.41 -0.53 34.56
CA ASP B 139 25.73 0.50 35.34
C ASP B 139 26.09 0.43 36.82
N LYS B 140 26.15 -0.77 37.39
CA LYS B 140 26.44 -0.92 38.81
C LYS B 140 27.77 -0.25 39.19
N ALA B 141 28.72 -0.17 38.26
CA ALA B 141 29.98 0.49 38.54
C ALA B 141 29.81 2.01 38.68
N VAL B 142 28.96 2.61 37.83
CA VAL B 142 28.80 4.06 37.87
C VAL B 142 28.11 4.47 39.17
N LYS B 143 26.99 3.83 39.51
CA LYS B 143 26.24 4.22 40.70
C LYS B 143 27.14 4.27 41.92
N ASP B 144 27.92 3.21 42.16
CA ASP B 144 28.81 3.20 43.31
C ASP B 144 29.69 4.45 43.33
N LEU B 145 30.27 4.81 42.19
CA LEU B 145 31.07 6.02 42.12
C LEU B 145 30.26 7.24 42.57
N CYS B 146 29.05 7.41 42.01
CA CYS B 146 28.23 8.55 42.38
C CYS B 146 27.88 8.53 43.86
N ALA B 147 27.97 7.35 44.51
CA ALA B 147 27.64 7.27 45.93
C ALA B 147 28.77 7.85 46.79
N THR B 148 30.00 7.87 46.27
CA THR B 148 31.15 8.35 47.02
C THR B 148 31.58 9.75 46.61
N LYS B 149 30.74 10.49 45.89
CA LYS B 149 31.05 11.86 45.51
C LYS B 149 29.86 12.79 45.62
N GLY B 150 28.77 12.37 46.27
CA GLY B 150 27.61 13.23 46.42
C GLY B 150 26.94 13.60 45.11
N VAL B 151 26.75 12.63 44.21
CA VAL B 151 26.14 12.86 42.91
C VAL B 151 24.86 12.05 42.84
N LYS B 152 23.73 12.74 42.62
CA LYS B 152 22.45 12.07 42.52
C LYS B 152 22.37 11.24 41.24
N TRP B 153 21.64 10.14 41.32
CA TRP B 153 21.45 9.22 40.20
C TRP B 153 19.96 8.99 39.98
N PHE B 154 19.54 9.10 38.72
CA PHE B 154 18.13 8.92 38.36
C PHE B 154 18.01 8.04 37.13
N ASP B 155 17.10 7.07 37.20
CA ASP B 155 16.84 6.17 36.09
C ASP B 155 15.33 5.98 35.96
N TYR B 156 14.89 5.73 34.73
CA TYR B 156 13.48 5.59 34.42
C TYR B 156 13.32 4.62 33.26
N ASN B 157 12.34 3.73 33.36
CA ASN B 157 12.09 2.72 32.34
C ASN B 157 11.09 3.27 31.34
N SER B 158 11.55 3.51 30.10
CA SER B 158 10.69 3.97 29.02
C SER B 158 10.92 3.16 27.75
N HIS B 159 11.58 2.01 27.85
CA HIS B 159 11.89 1.17 26.71
C HIS B 159 10.88 0.04 26.50
N LEU B 160 10.11 -0.30 27.53
CA LEU B 160 9.14 -1.39 27.48
C LEU B 160 7.79 -0.90 27.97
N LEU B 161 6.77 -1.74 27.76
CA LEU B 161 5.43 -1.44 28.22
C LEU B 161 5.16 -1.92 29.64
N TRP B 162 5.79 -3.02 30.06
CA TRP B 162 5.63 -3.56 31.39
C TRP B 162 7.00 -3.88 32.00
N ASP B 163 7.05 -3.89 33.32
CA ASP B 163 8.28 -4.18 34.04
C ASP B 163 8.49 -5.70 34.08
N PRO B 164 9.63 -6.21 33.59
CA PRO B 164 9.83 -7.67 33.61
C PRO B 164 9.73 -8.29 34.99
N LYS B 165 10.24 -7.62 36.03
CA LYS B 165 10.21 -8.19 37.37
C LYS B 165 8.78 -8.40 37.87
N ALA B 166 7.89 -7.45 37.60
CA ALA B 166 6.50 -7.60 38.02
C ALA B 166 5.84 -8.78 37.32
N VAL B 167 6.08 -8.93 36.01
CA VAL B 167 5.51 -10.06 35.28
C VAL B 167 6.05 -11.37 35.82
N CYS B 168 7.35 -11.44 36.10
CA CYS B 168 7.93 -12.67 36.64
C CYS B 168 7.36 -12.99 38.01
N ASP B 169 7.17 -11.98 38.86
CA ASP B 169 6.62 -12.23 40.19
C ASP B 169 5.16 -12.65 40.12
N ALA B 170 4.41 -12.12 39.15
CA ALA B 170 3.00 -12.49 39.00
C ALA B 170 2.82 -13.93 38.58
N ASN B 171 3.84 -14.56 38.00
CA ASN B 171 3.74 -15.95 37.56
C ASN B 171 4.68 -16.82 38.38
N GLY B 172 4.69 -16.61 39.67
CA GLY B 172 5.59 -17.34 40.57
C GLY B 172 6.96 -16.68 40.68
N GLY B 173 7.96 -17.29 40.06
CA GLY B 173 9.29 -16.72 40.04
C GLY B 173 10.01 -16.98 38.73
N ARG B 174 9.27 -17.32 37.68
CA ARG B 174 9.85 -17.65 36.39
C ARG B 174 9.11 -16.91 35.29
N PRO B 175 9.80 -16.56 34.19
CA PRO B 175 9.11 -15.90 33.09
C PRO B 175 8.10 -16.83 32.44
N PRO B 176 6.98 -16.29 31.95
CA PRO B 176 6.05 -17.13 31.17
C PRO B 176 6.72 -17.69 29.93
N HIS B 177 6.40 -18.95 29.63
CA HIS B 177 6.99 -19.64 28.49
C HIS B 177 6.03 -19.74 27.31
N THR B 178 4.84 -19.17 27.40
CA THR B 178 3.84 -19.24 26.35
C THR B 178 3.27 -17.85 26.11
N TYR B 179 2.96 -17.55 24.85
CA TYR B 179 2.43 -16.24 24.49
C TYR B 179 1.06 -16.01 25.10
N LYS B 180 0.20 -17.03 25.07
CA LYS B 180 -1.12 -16.91 25.68
C LYS B 180 -1.02 -16.67 27.19
N LEU B 181 -0.12 -17.38 27.86
CA LEU B 181 0.07 -17.17 29.29
C LEU B 181 0.59 -15.76 29.56
N PHE B 182 1.50 -15.27 28.71
CA PHE B 182 2.00 -13.91 28.87
C PHE B 182 0.87 -12.89 28.74
N CYS B 183 0.01 -13.06 27.73
CA CYS B 183 -1.12 -12.17 27.58
C CYS B 183 -2.05 -12.23 28.79
N GLN B 184 -2.33 -13.45 29.29
CA GLN B 184 -3.18 -13.58 30.46
C GLN B 184 -2.59 -12.84 31.66
N VAL B 185 -1.27 -13.00 31.88
CA VAL B 185 -0.64 -12.35 33.03
C VAL B 185 -0.68 -10.84 32.88
N THR B 186 -0.38 -10.33 31.68
CA THR B 186 -0.33 -8.88 31.49
C THR B 186 -1.72 -8.25 31.49
N ASP B 187 -2.77 -9.00 31.20
CA ASP B 187 -4.12 -8.44 31.23
C ASP B 187 -4.59 -8.12 32.64
N LEU B 188 -3.85 -8.55 33.68
CA LEU B 188 -4.20 -8.26 35.06
C LEU B 188 -3.38 -7.15 35.68
N LEU B 189 -2.22 -6.84 35.11
CA LEU B 189 -1.38 -5.77 35.67
C LEU B 189 -1.93 -4.39 35.36
N GLY B 190 -2.60 -4.24 34.22
CA GLY B 190 -3.15 -2.96 33.83
C GLY B 190 -2.84 -2.59 32.39
N LYS B 191 -2.72 -1.30 32.12
CA LYS B 191 -2.40 -0.80 30.80
C LYS B 191 -1.21 0.15 30.88
N PRO B 192 -0.45 0.28 29.78
CA PRO B 192 0.68 1.22 29.79
C PRO B 192 0.22 2.65 30.07
N GLU B 193 1.21 3.49 30.36
CA GLU B 193 0.95 4.90 30.63
C GLU B 193 1.07 5.73 29.36
N THR B 194 0.38 6.86 29.34
CA THR B 194 0.37 7.72 28.18
C THR B 194 1.72 8.42 28.00
N PRO B 195 2.04 8.87 26.79
CA PRO B 195 3.32 9.55 26.56
C PRO B 195 3.39 10.87 27.33
N HIS B 196 4.63 11.28 27.62
CA HIS B 196 4.90 12.51 28.33
C HIS B 196 5.08 13.67 27.35
N PRO B 197 5.00 14.92 27.85
CA PRO B 197 5.17 16.07 26.95
C PRO B 197 6.58 16.22 26.42
N ASP B 198 6.81 17.31 25.67
CA ASP B 198 8.12 17.62 25.12
C ASP B 198 8.88 18.56 26.04
N PRO B 199 10.21 18.57 25.96
CA PRO B 199 11.01 19.37 26.89
C PRO B 199 11.07 20.84 26.48
N ASP B 200 11.61 21.65 27.39
CA ASP B 200 11.81 23.07 27.17
C ASP B 200 13.21 23.45 27.67
N PHE B 201 13.95 24.17 26.83
CA PHE B 201 15.32 24.58 27.16
C PHE B 201 15.44 26.08 27.36
N SER B 202 14.33 26.81 27.46
CA SER B 202 14.39 28.27 27.49
C SER B 202 15.04 28.77 28.77
N HIS B 203 14.73 28.17 29.91
CA HIS B 203 15.18 28.64 31.21
C HIS B 203 16.37 27.85 31.75
N VAL B 204 17.19 27.27 30.87
CA VAL B 204 18.35 26.50 31.28
C VAL B 204 19.54 26.92 30.42
N GLN B 205 20.68 27.14 31.05
CA GLN B 205 21.89 27.48 30.33
C GLN B 205 22.57 26.22 29.81
N MET B 206 23.07 26.30 28.57
CA MET B 206 23.64 25.15 27.87
C MET B 206 25.01 25.57 27.34
N PRO B 207 26.03 25.55 28.19
CA PRO B 207 27.34 26.07 27.77
C PRO B 207 27.98 25.21 26.69
N VAL B 208 28.72 25.86 25.80
CA VAL B 208 29.41 25.20 24.70
C VAL B 208 30.84 25.71 24.67
N SER B 209 31.79 24.80 24.55
CA SER B 209 33.21 25.13 24.55
C SER B 209 33.68 25.54 23.16
N ASP B 210 34.79 26.27 23.14
CA ASP B 210 35.45 26.60 21.89
C ASP B 210 36.05 25.34 21.27
N ASP B 211 36.50 25.47 20.02
CA ASP B 211 37.05 24.37 19.24
C ASP B 211 36.32 23.06 19.56
N PHE B 212 35.00 23.10 19.44
CA PHE B 212 34.17 21.95 19.76
C PHE B 212 34.31 20.86 18.71
N ASP B 213 34.20 21.21 17.43
CA ASP B 213 34.22 20.22 16.36
C ASP B 213 35.55 19.50 16.24
N ASP B 214 36.61 20.01 16.87
CA ASP B 214 37.93 19.40 16.78
C ASP B 214 38.18 18.37 17.88
N LYS B 215 37.46 18.45 19.00
CA LYS B 215 37.66 17.54 20.12
C LYS B 215 36.44 16.69 20.44
N PHE B 216 35.25 17.28 20.52
CA PHE B 216 34.05 16.56 20.89
C PHE B 216 33.16 16.26 19.69
N GLY B 217 33.73 16.21 18.49
CA GLY B 217 32.96 15.95 17.30
C GLY B 217 32.65 14.47 17.11
N LEU B 218 31.84 14.21 16.08
CA LEU B 218 31.36 12.86 15.79
C LEU B 218 32.36 12.12 14.89
N PRO B 219 32.62 10.84 15.16
CA PRO B 219 33.59 10.11 14.33
C PRO B 219 33.07 9.81 12.93
N THR B 220 33.86 9.08 12.14
CA THR B 220 33.48 8.71 10.79
C THR B 220 33.83 7.25 10.55
N LEU B 221 33.13 6.65 9.58
CA LEU B 221 33.34 5.25 9.25
C LEU B 221 34.74 4.99 8.71
N LYS B 222 35.43 6.04 8.26
CA LYS B 222 36.73 5.86 7.62
C LYS B 222 37.80 5.44 8.62
N GLU B 223 37.72 5.96 9.85
CA GLU B 223 38.69 5.62 10.88
C GLU B 223 38.29 4.39 11.67
N LEU B 224 36.99 4.19 11.90
CA LEU B 224 36.53 3.05 12.69
C LEU B 224 36.89 1.72 12.04
N GLY B 225 37.14 1.71 10.73
CA GLY B 225 37.50 0.50 10.03
C GLY B 225 36.38 -0.21 9.30
N CYS B 226 35.21 0.42 9.17
CA CYS B 226 34.07 -0.17 8.48
C CYS B 226 33.97 0.48 7.09
N GLU B 227 34.26 -0.31 6.07
CA GLU B 227 34.15 0.09 4.68
C GLU B 227 33.35 -0.97 3.92
N PRO B 228 32.73 -0.60 2.80
CA PRO B 228 31.92 -1.57 2.07
C PRO B 228 32.74 -2.77 1.63
N GLU B 229 32.15 -3.96 1.75
CA GLU B 229 32.80 -5.20 1.35
C GLU B 229 32.52 -5.56 -0.10
N CYS B 230 31.53 -4.93 -0.73
CA CYS B 230 31.19 -5.25 -2.11
C CYS B 230 30.48 -4.05 -2.71
N GLU B 231 30.37 -4.05 -4.04
CA GLU B 231 29.70 -2.95 -4.74
C GLU B 231 28.22 -2.90 -4.45
N GLU B 232 27.61 -4.01 -4.01
CA GLU B 232 26.18 -4.00 -3.72
C GLU B 232 25.87 -3.23 -2.44
N GLN B 233 26.80 -3.19 -1.49
CA GLN B 233 26.59 -2.39 -0.28
C GLN B 233 26.62 -0.90 -0.59
N GLU B 234 27.50 -0.49 -1.50
CA GLU B 234 27.61 0.93 -1.84
C GLU B 234 26.31 1.46 -2.45
N LYS B 235 25.71 0.69 -3.35
CA LYS B 235 24.51 1.11 -4.09
C LYS B 235 23.44 0.04 -3.97
N PRO B 236 22.76 -0.02 -2.84
CA PRO B 236 21.67 -0.99 -2.67
C PRO B 236 20.40 -0.56 -3.38
N PHE B 237 19.52 -1.53 -3.61
CA PHE B 237 18.25 -1.26 -4.28
C PHE B 237 17.33 -0.44 -3.39
N ASN B 238 17.20 -0.82 -2.12
CA ASN B 238 16.38 -0.11 -1.15
C ASN B 238 17.27 0.73 -0.23
N LYS B 239 16.86 1.96 0.01
CA LYS B 239 17.62 2.93 0.78
C LYS B 239 16.94 3.17 2.13
N TRP B 240 17.76 3.24 3.18
CA TRP B 240 17.29 3.43 4.54
C TRP B 240 17.89 4.72 5.11
N GLN B 241 17.12 5.37 5.99
CA GLN B 241 17.56 6.58 6.68
C GLN B 241 17.22 6.46 8.15
N GLY B 242 18.20 6.79 9.01
CA GLY B 242 18.00 6.77 10.44
C GLY B 242 17.67 8.15 10.99
N GLY B 243 16.92 8.16 12.07
CA GLY B 243 16.54 9.40 12.74
C GLY B 243 15.15 9.31 13.36
N GLU B 244 14.64 10.47 13.76
CA GLU B 244 13.36 10.53 14.46
C GLU B 244 12.27 11.10 13.55
N THR B 245 12.62 12.09 12.72
CA THR B 245 11.64 12.67 11.79
C THR B 245 11.10 11.62 10.84
N GLY B 246 11.98 10.78 10.28
CA GLY B 246 11.51 9.70 9.43
C GLY B 246 10.62 8.71 10.15
N ALA B 247 10.94 8.41 11.41
CA ALA B 247 10.09 7.52 12.19
C ALA B 247 8.69 8.11 12.35
N LEU B 248 8.61 9.40 12.67
CA LEU B 248 7.30 10.03 12.83
C LEU B 248 6.52 10.08 11.53
N GLU B 249 7.20 10.36 10.40
CA GLU B 249 6.52 10.33 9.11
C GLU B 249 6.00 8.94 8.78
N LEU B 250 6.82 7.90 9.03
CA LEU B 250 6.37 6.54 8.80
C LEU B 250 5.16 6.20 9.66
N LEU B 251 5.16 6.66 10.91
CA LEU B 251 4.01 6.40 11.78
C LEU B 251 2.75 7.08 11.24
N GLU B 252 2.88 8.32 10.78
CA GLU B 252 1.72 9.02 10.21
C GLU B 252 1.18 8.27 8.99
N THR B 253 2.07 7.83 8.10
CA THR B 253 1.65 7.09 6.92
C THR B 253 0.94 5.81 7.30
N ARG B 254 1.51 5.07 8.26
CA ARG B 254 0.88 3.84 8.75
C ARG B 254 -0.52 4.12 9.27
N LEU B 255 -0.68 5.18 10.07
CA LEU B 255 -1.98 5.46 10.69
C LEU B 255 -3.03 5.79 9.64
N MET B 256 -2.68 6.63 8.66
CA MET B 256 -3.68 6.99 7.66
C MET B 256 -3.99 5.83 6.71
N ILE B 257 -3.02 4.98 6.38
CA ILE B 257 -3.33 3.78 5.62
C ILE B 257 -4.37 2.94 6.35
N GLU B 258 -4.19 2.73 7.65
CA GLU B 258 -5.14 1.94 8.43
C GLU B 258 -6.50 2.62 8.48
N ARG B 259 -6.53 3.95 8.60
CA ARG B 259 -7.81 4.66 8.61
C ARG B 259 -8.58 4.42 7.32
N THR B 260 -7.89 4.57 6.18
CA THR B 260 -8.54 4.33 4.90
C THR B 260 -9.01 2.88 4.77
N ALA B 261 -8.19 1.93 5.21
CA ALA B 261 -8.61 0.53 5.17
C ALA B 261 -9.85 0.28 6.04
N TYR B 262 -9.89 0.87 7.24
CA TYR B 262 -11.07 0.73 8.08
C TYR B 262 -12.31 1.28 7.40
N LYS B 263 -12.18 2.46 6.77
CA LYS B 263 -13.32 3.02 6.06
C LYS B 263 -13.77 2.10 4.93
N ALA B 264 -12.83 1.48 4.22
CA ALA B 264 -13.19 0.56 3.15
C ALA B 264 -13.89 -0.69 3.66
N GLY B 265 -13.58 -1.14 4.87
CA GLY B 265 -14.22 -2.30 5.45
C GLY B 265 -13.29 -3.45 5.80
N TYR B 266 -12.03 -3.17 6.11
CA TYR B 266 -11.03 -4.20 6.41
C TYR B 266 -10.54 -4.00 7.84
N ILE B 267 -11.10 -4.78 8.77
CA ILE B 267 -10.72 -4.74 10.18
C ILE B 267 -10.07 -6.08 10.51
N MET B 268 -8.77 -6.06 10.81
CA MET B 268 -7.99 -7.25 11.13
C MET B 268 -8.31 -8.38 10.15
N PRO B 269 -7.86 -8.29 8.91
CA PRO B 269 -8.08 -9.38 7.95
C PRO B 269 -6.92 -10.36 7.93
N ASN B 270 -7.18 -11.51 7.33
CA ASN B 270 -6.15 -12.54 7.20
C ASN B 270 -5.04 -12.09 6.27
N GLN B 271 -3.80 -12.36 6.66
CA GLN B 271 -2.61 -11.98 5.90
C GLN B 271 -2.04 -13.22 5.23
N TYR B 272 -2.10 -13.24 3.90
CA TYR B 272 -1.59 -14.38 3.12
C TYR B 272 -0.68 -13.98 1.97
N ILE B 273 -0.71 -12.73 1.51
CA ILE B 273 0.06 -12.29 0.36
C ILE B 273 1.05 -11.22 0.82
N PRO B 274 2.32 -11.56 1.00
CA PRO B 274 3.32 -10.55 1.33
C PRO B 274 3.81 -9.80 0.10
N ASP B 275 4.18 -8.54 0.32
CA ASP B 275 4.70 -7.68 -0.74
C ASP B 275 6.21 -7.60 -0.58
N LEU B 276 6.93 -8.17 -1.55
CA LEU B 276 8.39 -8.24 -1.49
C LEU B 276 9.08 -7.37 -2.53
N VAL B 277 8.34 -6.79 -3.47
CA VAL B 277 8.92 -5.97 -4.53
C VAL B 277 8.67 -4.49 -4.34
N GLY B 278 8.05 -4.09 -3.24
CA GLY B 278 7.81 -2.70 -2.96
C GLY B 278 8.56 -2.20 -1.73
N PRO B 279 8.35 -0.94 -1.38
CA PRO B 279 9.02 -0.38 -0.20
C PRO B 279 8.63 -1.14 1.06
N PRO B 280 9.58 -1.37 1.99
CA PRO B 280 9.25 -2.08 3.23
C PRO B 280 8.27 -1.33 4.13
N ARG B 281 8.59 -0.07 4.43
CA ARG B 281 7.78 0.74 5.35
C ARG B 281 7.76 0.12 6.75
N SER B 282 8.96 -0.08 7.31
CA SER B 282 9.13 -0.74 8.60
C SER B 282 9.81 0.19 9.58
N MET B 283 9.50 0.03 10.87
CA MET B 283 10.05 0.85 11.93
C MET B 283 10.77 0.04 13.00
N SER B 284 11.06 -1.24 12.74
CA SER B 284 11.74 -2.06 13.74
C SER B 284 13.15 -1.56 14.03
N PRO B 285 13.97 -1.15 13.05
CA PRO B 285 15.28 -0.59 13.40
C PRO B 285 15.19 0.66 14.27
N HIS B 286 14.17 1.49 14.06
CA HIS B 286 14.00 2.68 14.89
C HIS B 286 13.57 2.31 16.31
N LEU B 287 12.73 1.29 16.46
CA LEU B 287 12.36 0.81 17.78
C LEU B 287 13.56 0.21 18.51
N ARG B 288 14.46 -0.45 17.79
CA ARG B 288 15.62 -1.06 18.43
C ARG B 288 16.49 -0.01 19.12
N PHE B 289 16.75 1.11 18.45
CA PHE B 289 17.62 2.14 18.98
C PHE B 289 16.91 3.16 19.85
N GLY B 290 15.59 3.20 19.82
CA GLY B 290 14.83 4.12 20.65
C GLY B 290 14.47 5.43 20.00
N ALA B 291 14.59 5.54 18.67
CA ALA B 291 14.21 6.76 17.99
C ALA B 291 12.69 6.94 17.94
N LEU B 292 11.93 5.90 18.23
CA LEU B 292 10.49 5.97 18.33
C LEU B 292 10.04 5.31 19.61
N SER B 293 9.03 5.90 20.25
CA SER B 293 8.50 5.37 21.50
C SER B 293 7.48 4.28 21.24
N ILE B 294 7.50 3.25 22.08
CA ILE B 294 6.55 2.15 21.95
C ILE B 294 5.18 2.54 22.51
N ARG B 295 5.15 3.31 23.59
CA ARG B 295 3.88 3.77 24.16
C ARG B 295 3.12 4.66 23.19
N LYS B 296 3.85 5.55 22.50
CA LYS B 296 3.22 6.44 21.53
C LYS B 296 2.54 5.65 20.42
N PHE B 297 3.25 4.67 19.85
CA PHE B 297 2.66 3.81 18.83
C PHE B 297 1.44 3.07 19.36
N TYR B 298 1.59 2.48 20.55
CA TYR B 298 0.50 1.73 21.17
C TYR B 298 -0.77 2.57 21.27
N TRP B 299 -0.65 3.79 21.79
CA TRP B 299 -1.84 4.60 22.01
C TRP B 299 -2.34 5.25 20.72
N ASP B 300 -1.44 5.60 19.80
CA ASP B 300 -1.88 6.16 18.53
C ASP B 300 -2.73 5.17 17.74
N LEU B 301 -2.33 3.89 17.73
CA LEU B 301 -3.15 2.90 17.03
C LEU B 301 -4.58 2.88 17.57
N HIS B 302 -4.73 2.78 18.88
CA HIS B 302 -6.06 2.66 19.47
C HIS B 302 -6.88 3.94 19.29
N ASN B 303 -6.26 5.10 19.43
CA ASN B 303 -6.99 6.34 19.24
C ASN B 303 -7.42 6.51 17.79
N ASN B 304 -6.56 6.14 16.84
CA ASN B 304 -6.94 6.18 15.44
C ASN B 304 -8.12 5.26 15.18
N TYR B 305 -8.12 4.06 15.75
CA TYR B 305 -9.25 3.15 15.58
C TYR B 305 -10.52 3.74 16.17
N ALA B 306 -10.43 4.32 17.37
CA ALA B 306 -11.63 4.82 18.03
C ALA B 306 -12.21 6.05 17.33
N GLU B 307 -11.36 6.89 16.74
CA GLU B 307 -11.88 8.08 16.06
C GLU B 307 -12.81 7.69 14.90
N VAL B 308 -12.44 6.67 14.14
CA VAL B 308 -13.24 6.28 12.98
C VAL B 308 -14.43 5.44 13.42
N CYS B 309 -14.16 4.29 14.02
CA CYS B 309 -15.21 3.36 14.44
C CYS B 309 -15.70 3.74 15.83
N GLY B 310 -16.45 2.84 16.47
CA GLY B 310 -17.02 3.12 17.76
C GLY B 310 -16.01 3.11 18.89
N GLY B 311 -16.48 3.26 20.12
CA GLY B 311 -15.61 3.33 21.27
C GLY B 311 -15.49 2.02 22.02
N GLU B 312 -15.37 0.92 21.27
CA GLU B 312 -15.19 -0.40 21.86
C GLU B 312 -13.72 -0.80 21.76
N TRP B 313 -13.23 -1.46 22.80
CA TRP B 313 -11.83 -1.85 22.86
C TRP B 313 -11.59 -3.10 22.02
N LEU B 314 -10.53 -3.07 21.22
CA LEU B 314 -10.14 -4.19 20.38
C LEU B 314 -8.64 -4.40 20.56
N GLY B 315 -8.26 -5.42 21.32
CA GLY B 315 -6.86 -5.67 21.64
C GLY B 315 -6.05 -6.30 20.53
N ALA B 316 -6.69 -6.77 19.46
CA ALA B 316 -5.97 -7.41 18.37
C ALA B 316 -5.13 -6.42 17.58
N LEU B 317 -5.36 -5.12 17.74
CA LEU B 317 -4.62 -4.13 16.97
C LEU B 317 -3.14 -4.14 17.33
N THR B 318 -2.83 -4.26 18.61
CA THR B 318 -1.46 -4.18 19.11
C THR B 318 -0.92 -5.55 19.50
N ALA B 319 -1.30 -6.59 18.76
CA ALA B 319 -0.85 -7.94 19.08
C ALA B 319 0.60 -8.16 18.71
N GLN B 320 1.10 -7.49 17.67
CA GLN B 320 2.48 -7.67 17.26
C GLN B 320 3.45 -7.04 18.26
N LEU B 321 3.05 -5.94 18.89
CA LEU B 321 3.92 -5.27 19.86
C LEU B 321 4.06 -6.05 21.16
N VAL B 322 3.27 -7.12 21.35
CA VAL B 322 3.36 -7.92 22.57
C VAL B 322 4.35 -9.07 22.45
N TRP B 323 4.63 -9.55 21.24
CA TRP B 323 5.68 -10.54 21.06
C TRP B 323 7.04 -9.99 21.48
N ARG B 324 7.29 -8.72 21.17
CA ARG B 324 8.53 -8.07 21.56
C ARG B 324 8.72 -8.10 23.07
N GLU B 325 7.69 -7.71 23.83
CA GLU B 325 7.75 -7.77 25.28
C GLU B 325 7.85 -9.19 25.80
N TYR B 326 7.15 -10.13 25.17
CA TYR B 326 7.21 -11.53 25.57
C TYR B 326 8.62 -12.08 25.47
N PHE B 327 9.35 -11.73 24.40
CA PHE B 327 10.73 -12.17 24.25
C PHE B 327 11.70 -11.37 25.11
N TYR B 328 11.42 -10.09 25.38
CA TYR B 328 12.29 -9.32 26.27
C TYR B 328 12.22 -9.84 27.70
N CYS B 329 11.01 -10.06 28.21
CA CYS B 329 10.86 -10.46 29.61
C CYS B 329 11.36 -11.88 29.89
N MET B 330 11.56 -12.70 28.85
CA MET B 330 12.03 -14.05 29.05
C MET B 330 13.51 -14.12 29.40
N SER B 331 14.30 -13.14 28.98
CA SER B 331 15.72 -13.10 29.26
C SER B 331 16.05 -12.57 30.65
N TYR B 332 15.05 -12.17 31.42
CA TYR B 332 15.29 -11.60 32.73
C TYR B 332 16.00 -12.61 33.62
N GLY B 333 17.21 -12.27 34.05
CA GLY B 333 17.97 -13.12 34.93
C GLY B 333 18.60 -14.34 34.29
N ASN B 334 19.22 -14.19 33.12
CA ASN B 334 19.84 -15.32 32.42
C ASN B 334 20.86 -14.78 31.43
N PRO B 335 22.11 -14.60 31.86
CA PRO B 335 23.15 -14.14 30.93
C PRO B 335 23.44 -15.12 29.81
N SER B 336 23.12 -16.40 29.98
CA SER B 336 23.37 -17.42 28.97
C SER B 336 22.18 -17.62 28.04
N PHE B 337 21.34 -16.59 27.87
CA PHE B 337 20.18 -16.68 26.99
C PHE B 337 20.55 -16.79 25.52
N ASP B 338 21.81 -16.54 25.16
CA ASP B 338 22.26 -16.62 23.78
C ASP B 338 23.06 -17.88 23.49
N LYS B 339 23.01 -18.87 24.39
CA LYS B 339 23.74 -20.12 24.23
C LYS B 339 22.82 -21.29 24.55
N MET B 340 23.23 -22.48 24.12
CA MET B 340 22.47 -23.69 24.38
C MET B 340 22.94 -24.42 25.63
N GLU B 341 24.20 -24.24 26.01
CA GLU B 341 24.74 -24.88 27.21
C GLU B 341 24.63 -23.93 28.39
N GLY B 342 24.04 -24.41 29.48
CA GLY B 342 23.82 -23.60 30.66
C GLY B 342 22.55 -22.79 30.66
N ASN B 343 21.76 -22.86 29.60
CA ASN B 343 20.51 -22.11 29.51
C ASN B 343 19.36 -23.01 29.95
N PRO B 344 18.68 -22.74 31.06
CA PRO B 344 17.65 -23.67 31.56
C PRO B 344 16.37 -23.67 30.76
N ILE B 345 16.12 -22.67 29.91
CA ILE B 345 14.87 -22.56 29.17
C ILE B 345 15.01 -23.11 27.75
N CYS B 346 16.05 -23.90 27.49
CA CYS B 346 16.25 -24.51 26.19
C CYS B 346 16.51 -26.00 26.34
N LEU B 347 16.06 -26.77 25.36
CA LEU B 347 16.30 -28.21 25.32
C LEU B 347 17.66 -28.50 24.70
N GLN B 348 18.30 -29.54 25.21
CA GLN B 348 19.61 -29.97 24.71
C GLN B 348 19.41 -30.93 23.55
N ILE B 349 20.00 -30.58 22.40
CA ILE B 349 19.82 -31.37 21.18
C ILE B 349 21.19 -31.60 20.55
N PRO B 350 21.55 -32.84 20.19
CA PRO B 350 22.83 -33.05 19.51
C PRO B 350 22.83 -32.55 18.06
N TRP B 351 23.58 -31.49 17.80
CA TRP B 351 23.71 -30.93 16.47
C TRP B 351 25.02 -31.40 15.82
N TYR B 352 25.14 -31.12 14.54
CA TYR B 352 26.35 -31.39 13.78
C TYR B 352 27.10 -30.09 13.48
N LYS B 353 28.36 -30.23 13.07
CA LYS B 353 29.19 -29.08 12.73
C LYS B 353 29.94 -29.37 11.44
N ASP B 354 29.55 -28.69 10.37
CA ASP B 354 30.27 -28.73 9.10
C ASP B 354 30.48 -27.29 8.65
N GLU B 355 31.74 -26.91 8.41
CA GLU B 355 32.05 -25.53 8.07
C GLU B 355 31.70 -25.21 6.63
N GLU B 356 31.86 -26.16 5.70
CA GLU B 356 31.56 -25.89 4.30
C GLU B 356 30.10 -25.54 4.11
N ALA B 357 29.20 -26.32 4.70
CA ALA B 357 27.77 -26.06 4.57
C ALA B 357 27.40 -24.71 5.18
N LEU B 358 27.96 -24.39 6.34
CA LEU B 358 27.68 -23.11 6.98
C LEU B 358 28.17 -21.94 6.14
N GLU B 359 29.36 -22.07 5.55
CA GLU B 359 29.88 -21.01 4.69
C GLU B 359 29.01 -20.83 3.45
N LYS B 360 28.57 -21.94 2.84
CA LYS B 360 27.67 -21.83 1.69
C LYS B 360 26.37 -21.16 2.08
N TRP B 361 25.82 -21.51 3.25
CA TRP B 361 24.58 -20.90 3.70
C TRP B 361 24.76 -19.39 3.93
N LYS B 362 25.88 -19.00 4.51
CA LYS B 362 26.13 -17.58 4.78
C LYS B 362 26.34 -16.79 3.49
N GLN B 363 27.16 -17.33 2.58
CA GLN B 363 27.45 -16.60 1.35
C GLN B 363 26.24 -16.55 0.42
N GLY B 364 25.49 -17.65 0.32
CA GLY B 364 24.36 -17.72 -0.58
C GLY B 364 24.65 -18.59 -1.78
N GLN B 365 25.38 -19.68 -1.56
CA GLN B 365 25.73 -20.63 -2.61
C GLN B 365 25.14 -22.00 -2.31
N THR B 366 23.88 -22.01 -1.85
CA THR B 366 23.25 -23.27 -1.46
C THR B 366 22.76 -24.07 -2.66
N GLY B 367 22.36 -23.40 -3.73
CA GLY B 367 21.75 -24.06 -4.86
C GLY B 367 20.25 -23.93 -4.96
N PHE B 368 19.60 -23.33 -3.95
CA PHE B 368 18.17 -23.08 -3.97
C PHE B 368 17.95 -21.57 -4.09
N PRO B 369 17.42 -21.07 -5.21
CA PRO B 369 17.35 -19.60 -5.40
C PRO B 369 16.59 -18.87 -4.31
N TRP B 370 15.54 -19.47 -3.76
CA TRP B 370 14.75 -18.80 -2.73
C TRP B 370 15.59 -18.48 -1.50
N ILE B 371 16.46 -19.39 -1.09
CA ILE B 371 17.31 -19.16 0.07
C ILE B 371 18.41 -18.16 -0.26
N ASP B 372 19.04 -18.33 -1.43
CA ASP B 372 20.16 -17.47 -1.81
C ASP B 372 19.73 -16.01 -1.94
N ALA B 373 18.55 -15.78 -2.52
CA ALA B 373 18.07 -14.41 -2.67
C ALA B 373 17.92 -13.72 -1.32
N CYS B 374 17.31 -14.41 -0.35
CA CYS B 374 17.12 -13.82 0.97
C CYS B 374 18.45 -13.58 1.67
N MET B 375 19.38 -14.54 1.59
CA MET B 375 20.67 -14.35 2.24
C MET B 375 21.46 -13.20 1.62
N ARG B 376 21.45 -13.09 0.29
CA ARG B 376 22.13 -11.97 -0.35
C ARG B 376 21.46 -10.64 -0.04
N GLN B 377 20.13 -10.61 0.06
CA GLN B 377 19.45 -9.40 0.49
C GLN B 377 19.89 -8.99 1.88
N LEU B 378 19.99 -9.95 2.80
CA LEU B 378 20.50 -9.63 4.13
C LEU B 378 21.91 -9.06 4.06
N ARG B 379 22.79 -9.69 3.28
CA ARG B 379 24.17 -9.25 3.23
C ARG B 379 24.35 -7.89 2.56
N TYR B 380 23.46 -7.51 1.63
CA TYR B 380 23.55 -6.23 0.95
C TYR B 380 22.84 -5.11 1.70
N GLU B 381 21.54 -5.27 1.98
CA GLU B 381 20.73 -4.20 2.56
C GLU B 381 20.67 -4.26 4.08
N GLY B 382 20.63 -5.45 4.66
CA GLY B 382 20.55 -5.60 6.10
C GLY B 382 19.15 -5.78 6.67
N TRP B 383 18.17 -6.06 5.81
CA TRP B 383 16.80 -6.25 6.27
C TRP B 383 16.13 -7.32 5.41
N MET B 384 15.20 -8.06 6.02
CA MET B 384 14.52 -9.14 5.34
C MET B 384 13.11 -9.27 5.92
N HIS B 385 12.20 -9.82 5.10
CA HIS B 385 10.84 -10.08 5.54
C HIS B 385 10.80 -11.31 6.47
N HIS B 386 9.75 -11.34 7.29
CA HIS B 386 9.59 -12.41 8.29
C HIS B 386 9.62 -13.79 7.65
N VAL B 387 8.93 -13.96 6.51
CA VAL B 387 8.85 -15.27 5.88
C VAL B 387 10.22 -15.77 5.48
N GLY B 388 11.07 -14.88 4.95
CA GLY B 388 12.41 -15.28 4.58
C GLY B 388 13.26 -15.71 5.77
N ARG B 389 13.15 -14.98 6.87
CA ARG B 389 13.90 -15.34 8.07
C ARG B 389 13.47 -16.71 8.58
N HIS B 390 12.16 -16.95 8.64
CA HIS B 390 11.67 -18.27 9.04
C HIS B 390 12.18 -19.35 8.11
N ALA B 391 12.13 -19.12 6.81
CA ALA B 391 12.56 -20.11 5.84
C ALA B 391 14.03 -20.46 6.03
N VAL B 392 14.89 -19.45 6.13
CA VAL B 392 16.32 -19.73 6.26
C VAL B 392 16.65 -20.37 7.60
N ALA B 393 16.01 -19.95 8.68
CA ALA B 393 16.25 -20.60 9.97
C ALA B 393 15.86 -22.07 9.95
N CYS B 394 14.68 -22.38 9.40
CA CYS B 394 14.26 -23.77 9.30
C CYS B 394 15.17 -24.58 8.40
N PHE B 395 15.62 -23.99 7.29
CA PHE B 395 16.55 -24.70 6.41
C PHE B 395 17.85 -25.02 7.13
N LEU B 396 18.37 -24.07 7.92
CA LEU B 396 19.63 -24.32 8.61
C LEU B 396 19.50 -25.35 9.73
N THR B 397 18.46 -25.24 10.57
CA THR B 397 18.46 -25.99 11.82
C THR B 397 17.75 -27.34 11.72
N ARG B 398 16.44 -27.33 11.51
CA ARG B 398 15.65 -28.55 11.61
C ARG B 398 15.08 -29.02 10.28
N GLY B 399 15.37 -28.33 9.18
CA GLY B 399 14.86 -28.73 7.90
C GLY B 399 15.74 -29.72 7.16
N ASP B 400 16.97 -29.34 6.84
CA ASP B 400 17.82 -30.15 5.97
C ASP B 400 19.21 -30.41 6.51
N LEU B 401 19.85 -29.42 7.15
CA LEU B 401 21.27 -29.50 7.45
C LEU B 401 21.58 -29.99 8.86
N TRP B 402 20.73 -29.68 9.84
CA TRP B 402 20.94 -30.12 11.22
C TRP B 402 22.17 -29.45 11.84
N ILE B 403 22.23 -28.13 11.74
CA ILE B 403 23.30 -27.34 12.31
C ILE B 403 22.71 -26.41 13.37
N SER B 404 23.51 -26.10 14.39
CA SER B 404 23.02 -25.39 15.55
C SER B 404 22.57 -23.97 15.21
N TRP B 405 21.59 -23.48 15.96
CA TRP B 405 21.11 -22.11 15.81
C TRP B 405 22.10 -21.08 16.32
N VAL B 406 23.01 -21.47 17.21
CA VAL B 406 24.00 -20.53 17.72
C VAL B 406 24.91 -20.05 16.60
N ASP B 407 25.25 -20.94 15.67
CA ASP B 407 26.14 -20.58 14.56
C ASP B 407 25.46 -19.58 13.63
N GLY B 408 24.17 -19.77 13.34
CA GLY B 408 23.45 -18.86 12.47
C GLY B 408 23.03 -17.56 13.13
N LEU B 409 22.90 -17.54 14.46
CA LEU B 409 22.57 -16.32 15.15
C LEU B 409 23.65 -15.26 15.02
N GLU B 410 24.91 -15.69 14.85
CA GLU B 410 26.00 -14.73 14.74
C GLU B 410 25.88 -13.89 13.48
N ALA B 411 25.49 -14.50 12.37
CA ALA B 411 25.32 -13.75 11.12
C ALA B 411 24.25 -12.68 11.27
N PHE B 412 23.12 -13.03 11.91
CA PHE B 412 22.07 -12.04 12.13
C PHE B 412 22.54 -10.93 13.07
N TYR B 413 23.25 -11.29 14.14
CA TYR B 413 23.84 -10.26 14.99
C TYR B 413 24.75 -9.32 14.21
N LYS B 414 25.49 -9.85 13.25
CA LYS B 414 26.46 -9.07 12.50
C LYS B 414 25.85 -8.18 11.42
N TYR B 415 24.81 -8.64 10.72
CA TYR B 415 24.32 -7.93 9.54
C TYR B 415 22.99 -7.20 9.74
N MET B 416 22.10 -7.69 10.61
CA MET B 416 20.77 -7.10 10.72
C MET B 416 20.83 -5.68 11.26
N LEU B 417 19.88 -4.86 10.81
CA LEU B 417 19.73 -3.51 11.34
C LEU B 417 19.03 -3.48 12.70
N ASP B 418 18.25 -4.52 13.01
CA ASP B 418 17.49 -4.61 14.26
C ASP B 418 17.83 -5.90 14.99
N GLY B 419 19.12 -6.18 15.13
CA GLY B 419 19.56 -7.40 15.78
C GLY B 419 19.53 -7.32 17.29
N ASP B 420 18.34 -7.21 17.86
CA ASP B 420 18.21 -7.17 19.31
C ASP B 420 18.78 -8.43 19.93
N TRP B 421 19.47 -8.27 21.06
CA TRP B 421 20.17 -9.38 21.68
C TRP B 421 19.21 -10.49 22.09
N SER B 422 18.05 -10.13 22.60
CA SER B 422 17.12 -11.12 23.15
C SER B 422 16.06 -11.57 22.14
N VAL B 423 15.52 -10.66 21.33
CA VAL B 423 14.43 -11.00 20.44
C VAL B 423 14.88 -12.00 19.38
N CYS B 424 16.06 -11.78 18.79
CA CYS B 424 16.55 -12.68 17.74
C CYS B 424 16.80 -14.08 18.28
N ALA B 425 17.48 -14.18 19.43
CA ALA B 425 17.71 -15.48 20.05
C ALA B 425 16.40 -16.16 20.41
N GLY B 426 15.44 -15.40 20.93
CA GLY B 426 14.15 -15.99 21.26
C GLY B 426 13.43 -16.55 20.04
N ASN B 427 13.46 -15.80 18.93
CA ASN B 427 12.84 -16.31 17.71
C ASN B 427 13.56 -17.55 17.18
N TRP B 428 14.90 -17.57 17.26
CA TRP B 428 15.63 -18.76 16.83
C TRP B 428 15.25 -19.98 17.67
N MET B 429 15.21 -19.83 18.99
CA MET B 429 14.81 -20.92 19.87
C MET B 429 13.33 -21.29 19.73
N TRP B 430 12.50 -20.34 19.28
CA TRP B 430 11.09 -20.64 19.01
C TRP B 430 10.93 -21.47 17.75
N VAL B 431 11.64 -21.11 16.68
CA VAL B 431 11.53 -21.84 15.43
C VAL B 431 12.17 -23.22 15.55
N SER B 432 13.38 -23.28 16.09
CA SER B 432 14.05 -24.55 16.33
C SER B 432 13.83 -25.00 17.78
N SER B 433 14.27 -26.22 18.07
CA SER B 433 14.31 -26.80 19.40
C SER B 433 12.94 -27.10 19.99
N SER B 434 11.86 -26.77 19.29
CA SER B 434 10.50 -27.12 19.74
C SER B 434 10.20 -28.55 19.28
N ALA B 435 10.65 -29.51 20.09
CA ALA B 435 10.64 -30.90 19.68
C ALA B 435 9.22 -31.43 19.51
N PHE B 436 8.31 -31.08 20.42
CA PHE B 436 6.99 -31.68 20.48
C PHE B 436 5.97 -31.02 19.55
N GLU B 437 6.38 -30.02 18.77
CA GLU B 437 5.51 -29.39 17.79
C GLU B 437 5.77 -30.02 16.44
N ASN B 438 4.82 -30.83 15.96
CA ASN B 438 4.97 -31.56 14.71
C ASN B 438 4.54 -30.78 13.48
N CYS B 439 3.91 -29.61 13.66
CA CYS B 439 3.51 -28.82 12.51
C CYS B 439 4.71 -28.18 11.81
N LEU B 440 5.79 -27.94 12.56
CA LEU B 440 7.00 -27.34 12.00
C LEU B 440 7.92 -28.37 11.37
N GLN B 441 7.58 -29.67 11.42
CA GLN B 441 8.42 -30.72 10.89
C GLN B 441 7.91 -31.26 9.55
N CYS B 442 6.96 -30.58 8.92
CA CYS B 442 6.40 -31.06 7.66
C CYS B 442 7.34 -30.71 6.51
N PRO B 443 7.76 -31.68 5.69
CA PRO B 443 8.68 -31.37 4.59
C PRO B 443 8.04 -30.76 3.35
N GLN B 444 6.72 -30.82 3.22
CA GLN B 444 6.05 -30.27 2.05
C GLN B 444 5.75 -28.78 2.21
N CYS B 445 5.14 -28.40 3.33
CA CYS B 445 4.77 -27.00 3.52
C CYS B 445 6.01 -26.12 3.65
N PHE B 446 6.98 -26.55 4.44
CA PHE B 446 8.23 -25.80 4.61
C PHE B 446 9.31 -26.42 3.73
N SER B 447 9.12 -26.25 2.42
CA SER B 447 10.08 -26.70 1.43
C SER B 447 10.72 -25.51 0.74
N PRO B 448 12.01 -25.61 0.39
CA PRO B 448 12.66 -24.47 -0.28
C PRO B 448 12.22 -24.27 -1.72
N VAL B 449 11.22 -25.00 -2.21
CA VAL B 449 10.71 -24.83 -3.57
C VAL B 449 9.27 -24.38 -3.51
N LEU B 450 8.42 -25.17 -2.84
CA LEU B 450 6.99 -24.87 -2.79
C LEU B 450 6.71 -23.59 -2.01
N TYR B 451 7.40 -23.40 -0.88
CA TYR B 451 7.22 -22.18 -0.10
C TYR B 451 7.61 -20.95 -0.90
N GLY B 452 8.72 -21.02 -1.63
CA GLY B 452 9.11 -19.92 -2.49
C GLY B 452 8.12 -19.65 -3.61
N MET B 453 7.62 -20.73 -4.23
CA MET B 453 6.58 -20.55 -5.24
C MET B 453 5.36 -19.84 -4.66
N ARG B 454 4.96 -20.23 -3.45
CA ARG B 454 3.79 -19.63 -2.83
C ARG B 454 4.02 -18.15 -2.53
N MET B 455 5.21 -17.81 -2.02
CA MET B 455 5.46 -16.44 -1.58
C MET B 455 6.01 -15.53 -2.67
N ASP B 456 6.32 -16.06 -3.85
CA ASP B 456 6.84 -15.27 -4.96
C ASP B 456 6.36 -15.87 -6.27
N PRO B 457 5.06 -15.79 -6.55
CA PRO B 457 4.51 -16.41 -7.77
C PRO B 457 5.11 -15.88 -9.05
N THR B 458 5.47 -14.60 -9.11
CA THR B 458 6.00 -14.01 -10.34
C THR B 458 7.49 -14.28 -10.54
N GLY B 459 8.28 -14.23 -9.48
CA GLY B 459 9.71 -14.45 -9.59
C GLY B 459 10.55 -13.20 -9.72
N GLU B 460 9.96 -12.02 -9.54
CA GLU B 460 10.74 -10.79 -9.68
C GLU B 460 11.73 -10.63 -8.53
N PHE B 461 11.30 -10.93 -7.30
CA PHE B 461 12.20 -10.86 -6.15
C PHE B 461 13.38 -11.81 -6.31
N THR B 462 13.12 -13.03 -6.78
CA THR B 462 14.19 -14.00 -6.96
C THR B 462 15.16 -13.57 -8.05
N ARG B 463 14.65 -13.03 -9.15
CA ARG B 463 15.49 -12.59 -10.25
C ARG B 463 16.27 -11.31 -9.93
N ARG B 464 15.78 -10.51 -8.99
CA ARG B 464 16.49 -9.28 -8.63
C ARG B 464 17.82 -9.58 -7.96
N TYR B 465 17.87 -10.59 -7.08
CA TYR B 465 19.06 -10.89 -6.31
C TYR B 465 19.83 -12.09 -6.83
N VAL B 466 19.30 -12.82 -7.82
CA VAL B 466 20.04 -13.89 -8.48
C VAL B 466 19.99 -13.62 -9.98
N PRO B 467 20.78 -12.69 -10.50
CA PRO B 467 20.69 -12.34 -11.93
C PRO B 467 21.07 -13.49 -12.85
N GLN B 468 21.77 -14.50 -12.36
CA GLN B 468 22.17 -15.61 -13.22
C GLN B 468 20.96 -16.32 -13.83
N LEU B 469 19.81 -16.24 -13.19
CA LEU B 469 18.59 -16.91 -13.64
C LEU B 469 17.58 -15.93 -14.22
N LYS B 470 18.07 -14.85 -14.82
CA LYS B 470 17.17 -13.80 -15.33
C LYS B 470 16.34 -14.31 -16.50
N ASN B 471 16.95 -15.08 -17.41
CA ASN B 471 16.27 -15.56 -18.60
C ASN B 471 15.72 -16.96 -18.44
N MET B 472 15.82 -17.55 -17.25
CA MET B 472 15.30 -18.89 -17.03
C MET B 472 13.78 -18.85 -16.96
N PRO B 473 13.07 -19.76 -17.62
CA PRO B 473 11.61 -19.76 -17.54
C PRO B 473 11.12 -19.97 -16.11
N LEU B 474 9.97 -19.37 -15.82
CA LEU B 474 9.39 -19.46 -14.48
C LEU B 474 9.10 -20.90 -14.07
N LYS B 475 8.95 -21.81 -15.04
CA LYS B 475 8.66 -23.20 -14.72
C LYS B 475 9.83 -23.85 -13.99
N TYR B 476 11.06 -23.55 -14.40
CA TYR B 476 12.26 -24.13 -13.81
C TYR B 476 13.05 -23.13 -12.97
N LEU B 477 12.45 -21.98 -12.63
CA LEU B 477 13.19 -20.96 -11.90
C LEU B 477 13.61 -21.47 -10.52
N PHE B 478 12.72 -22.17 -9.83
CA PHE B 478 13.01 -22.71 -8.51
C PHE B 478 13.60 -24.12 -8.54
N GLN B 479 13.74 -24.72 -9.72
CA GLN B 479 14.35 -26.04 -9.88
C GLN B 479 15.26 -26.02 -11.10
N PRO B 480 16.35 -25.24 -11.06
CA PRO B 480 17.20 -25.11 -12.25
C PRO B 480 17.85 -26.41 -12.68
N TRP B 481 18.00 -27.38 -11.79
CA TRP B 481 18.69 -28.62 -12.13
C TRP B 481 17.80 -29.64 -12.83
N LYS B 482 16.49 -29.41 -12.88
CA LYS B 482 15.58 -30.31 -13.59
C LYS B 482 15.30 -29.87 -15.02
N ALA B 483 15.96 -28.81 -15.49
CA ALA B 483 15.75 -28.33 -16.84
C ALA B 483 16.63 -29.09 -17.83
N PRO B 484 16.18 -29.26 -19.08
CA PRO B 484 17.03 -29.87 -20.09
C PRO B 484 18.21 -28.98 -20.45
N LYS B 485 19.13 -29.56 -21.24
CA LYS B 485 20.34 -28.84 -21.61
C LYS B 485 20.06 -27.71 -22.59
N GLU B 486 19.11 -27.90 -23.50
CA GLU B 486 18.78 -26.83 -24.45
C GLU B 486 18.24 -25.61 -23.74
N VAL B 487 17.39 -25.81 -22.74
CA VAL B 487 16.87 -24.68 -21.97
C VAL B 487 18.00 -23.95 -21.26
N GLN B 488 18.94 -24.70 -20.68
CA GLN B 488 20.08 -24.09 -20.01
C GLN B 488 20.91 -23.27 -20.99
N GLU B 489 21.18 -23.82 -22.18
CA GLU B 489 21.98 -23.10 -23.16
C GLU B 489 21.27 -21.83 -23.61
N LYS B 490 19.98 -21.91 -23.90
CA LYS B 490 19.23 -20.73 -24.30
C LYS B 490 19.23 -19.67 -23.21
N ALA B 491 18.99 -20.08 -21.96
CA ALA B 491 18.96 -19.14 -20.85
C ALA B 491 20.34 -18.64 -20.47
N GLY B 492 21.40 -19.22 -21.01
CA GLY B 492 22.75 -18.82 -20.66
C GLY B 492 23.13 -19.13 -19.22
N CYS B 493 22.70 -20.29 -18.72
CA CYS B 493 23.03 -20.70 -17.35
C CYS B 493 23.19 -22.22 -17.35
N VAL B 494 24.43 -22.68 -17.44
CA VAL B 494 24.75 -24.10 -17.31
C VAL B 494 24.93 -24.40 -15.83
N ILE B 495 24.09 -25.28 -15.30
CA ILE B 495 24.17 -25.63 -13.89
C ILE B 495 25.46 -26.39 -13.63
N GLY B 496 26.21 -25.94 -12.62
CA GLY B 496 27.51 -26.50 -12.28
C GLY B 496 28.67 -25.59 -12.60
N GLU B 497 28.51 -24.66 -13.53
CA GLU B 497 29.54 -23.70 -13.89
C GLU B 497 29.11 -22.27 -13.64
N ASP B 498 27.92 -21.89 -14.10
CA ASP B 498 27.42 -20.53 -13.89
C ASP B 498 26.60 -20.40 -12.63
N TYR B 499 25.95 -21.48 -12.18
CA TYR B 499 25.16 -21.49 -10.96
C TYR B 499 25.43 -22.82 -10.27
N PRO B 500 25.68 -22.82 -8.96
CA PRO B 500 26.07 -24.07 -8.29
C PRO B 500 24.94 -25.09 -8.28
N SER B 501 25.33 -26.36 -8.22
CA SER B 501 24.39 -27.45 -8.09
C SER B 501 23.87 -27.52 -6.65
N PRO B 502 22.72 -28.16 -6.44
CA PRO B 502 22.17 -28.22 -5.08
C PRO B 502 23.10 -28.95 -4.13
N MET B 503 23.15 -28.47 -2.89
CA MET B 503 24.07 -28.97 -1.88
C MET B 503 23.52 -30.18 -1.11
N VAL B 504 22.26 -30.53 -1.30
CA VAL B 504 21.67 -31.64 -0.55
C VAL B 504 20.36 -32.06 -1.21
N ASP B 505 19.97 -33.32 -1.03
CA ASP B 505 18.69 -33.82 -1.50
C ASP B 505 17.67 -33.67 -0.37
N HIS B 506 16.62 -32.89 -0.63
CA HIS B 506 15.67 -32.56 0.42
C HIS B 506 14.95 -33.80 0.94
N LYS B 507 14.57 -34.71 0.05
CA LYS B 507 13.80 -35.88 0.44
C LYS B 507 14.58 -36.74 1.43
N GLU B 508 15.87 -36.95 1.18
CA GLU B 508 16.68 -37.78 2.07
C GLU B 508 17.01 -37.07 3.37
N ALA B 509 17.34 -35.78 3.29
CA ALA B 509 17.71 -35.03 4.49
C ALA B 509 16.54 -34.92 5.46
N SER B 510 15.33 -34.67 4.94
CA SER B 510 14.16 -34.51 5.79
C SER B 510 13.86 -35.76 6.61
N SER B 511 13.95 -36.94 6.01
CA SER B 511 13.64 -38.16 6.74
C SER B 511 14.61 -38.40 7.89
N LYS B 512 15.92 -38.22 7.65
CA LYS B 512 16.89 -38.42 8.71
C LYS B 512 16.74 -37.37 9.81
N CYS B 513 16.43 -36.13 9.45
CA CYS B 513 16.19 -35.11 10.47
C CYS B 513 14.97 -35.45 11.31
N ARG B 514 13.90 -35.93 10.66
CA ARG B 514 12.71 -36.34 11.40
C ARG B 514 13.02 -37.48 12.35
N ARG B 515 13.79 -38.47 11.90
CA ARG B 515 14.18 -39.58 12.78
C ARG B 515 15.00 -39.08 13.96
N MET B 516 15.95 -38.18 13.71
CA MET B 516 16.78 -37.68 14.79
C MET B 516 15.95 -36.91 15.82
N MET B 517 15.00 -36.10 15.36
CA MET B 517 14.13 -35.39 16.30
C MET B 517 13.18 -36.33 17.04
N GLU B 518 12.73 -37.39 16.39
CA GLU B 518 11.92 -38.39 17.09
C GLU B 518 12.73 -39.05 18.19
N ASP B 519 14.02 -39.28 17.97
CA ASP B 519 14.88 -39.80 19.04
C ASP B 519 14.96 -38.82 20.21
N VAL B 520 15.07 -37.52 19.91
CA VAL B 520 15.09 -36.52 20.98
C VAL B 520 13.80 -36.58 21.78
N LYS B 521 12.66 -36.66 21.09
CA LYS B 521 11.38 -36.78 21.79
C LYS B 521 11.32 -38.03 22.64
N SER B 522 11.81 -39.17 22.13
CA SER B 522 11.80 -40.40 22.92
C SER B 522 12.64 -40.24 24.18
N ILE B 523 13.82 -39.62 24.05
CA ILE B 523 14.66 -39.40 25.22
C ILE B 523 13.96 -38.50 26.23
N ILE B 524 13.32 -37.44 25.75
CA ILE B 524 12.63 -36.49 26.64
C ILE B 524 11.17 -36.92 26.68
N LYS B 525 10.86 -37.75 27.68
CA LYS B 525 9.54 -38.37 27.75
C LYS B 525 8.44 -37.35 28.02
N ASP B 526 8.63 -36.52 29.03
CA ASP B 526 7.56 -35.63 29.47
C ASP B 526 7.30 -34.56 28.42
N PRO B 527 6.07 -34.43 27.90
CA PRO B 527 5.78 -33.31 27.00
C PRO B 527 5.57 -31.97 27.71
N GLU B 528 5.35 -31.98 29.03
CA GLU B 528 5.05 -30.78 29.78
C GLU B 528 6.28 -30.15 30.43
N VAL B 529 7.45 -30.29 29.82
CA VAL B 529 8.64 -29.68 30.38
C VAL B 529 8.58 -28.17 30.18
N TRP B 530 9.28 -27.44 31.04
CA TRP B 530 9.29 -25.99 30.99
C TRP B 530 10.32 -25.53 29.96
N HIS B 531 9.85 -25.08 28.80
CA HIS B 531 10.73 -24.60 27.75
C HIS B 531 9.92 -23.73 26.79
N CYS B 532 10.64 -22.89 26.06
CA CYS B 532 10.01 -22.02 25.07
C CYS B 532 9.42 -22.85 23.94
N THR B 533 8.13 -22.68 23.68
CA THR B 533 7.44 -23.49 22.70
C THR B 533 6.19 -22.75 22.24
N PRO B 534 5.68 -23.07 21.05
CA PRO B 534 4.38 -22.50 20.64
C PRO B 534 3.24 -23.07 21.46
N SER B 535 2.13 -22.33 21.45
CA SER B 535 0.97 -22.73 22.24
C SER B 535 0.17 -23.83 21.54
N ASP B 536 -0.24 -23.58 20.30
CA ASP B 536 -1.05 -24.53 19.54
C ASP B 536 -0.63 -24.49 18.08
N THR B 537 -1.33 -25.26 17.25
CA THR B 537 -0.99 -25.34 15.84
C THR B 537 -1.42 -24.09 15.09
N ASN B 538 -2.60 -23.55 15.42
CA ASN B 538 -3.05 -22.32 14.78
C ASN B 538 -2.08 -21.17 14.98
N GLU B 539 -1.46 -21.09 16.16
CA GLU B 539 -0.44 -20.08 16.40
C GLU B 539 0.73 -20.23 15.41
N VAL B 540 1.19 -21.44 15.18
CA VAL B 540 2.25 -21.68 14.21
C VAL B 540 1.80 -21.28 12.80
N ARG B 541 0.60 -21.71 12.40
CA ARG B 541 0.13 -21.43 11.05
C ARG B 541 0.03 -19.92 10.82
N LYS B 542 -0.45 -19.18 11.81
CA LYS B 542 -0.51 -17.73 11.67
C LYS B 542 0.88 -17.10 11.71
N PHE B 543 1.78 -17.66 12.52
CA PHE B 543 3.15 -17.18 12.58
C PHE B 543 3.84 -17.30 11.24
N CYS B 544 3.52 -18.34 10.47
CA CYS B 544 4.18 -18.63 9.20
C CYS B 544 3.35 -18.20 8.00
N TRP B 545 2.26 -17.47 8.20
CA TRP B 545 1.45 -16.92 7.10
C TRP B 545 0.87 -18.04 6.24
N LEU B 546 0.21 -18.99 6.89
CA LEU B 546 -0.42 -20.12 6.21
C LEU B 546 -1.85 -20.28 6.71
N PRO B 547 -2.72 -20.87 5.90
CA PRO B 547 -4.11 -21.07 6.34
C PRO B 547 -4.21 -22.03 7.51
N GLU B 548 -5.28 -21.85 8.28
CA GLU B 548 -5.56 -22.69 9.45
C GLU B 548 -6.24 -23.99 9.06
N HIS B 549 -7.43 -23.89 8.46
CA HIS B 549 -8.20 -25.06 8.08
C HIS B 549 -7.63 -25.70 6.82
N MET B 550 -8.05 -26.95 6.58
CA MET B 550 -7.59 -27.68 5.41
C MET B 550 -8.09 -27.03 4.13
N THR B 551 -7.26 -27.08 3.09
CA THR B 551 -7.59 -26.49 1.81
C THR B 551 -7.17 -27.43 0.69
N ALA B 552 -7.70 -27.16 -0.51
CA ALA B 552 -7.39 -27.98 -1.67
C ALA B 552 -5.96 -27.81 -2.14
N ASP B 553 -5.27 -26.77 -1.69
CA ASP B 553 -3.88 -26.49 -2.07
C ASP B 553 -2.93 -26.77 -0.92
N GLN B 554 -3.19 -27.83 -0.16
CA GLN B 554 -2.37 -28.20 1.00
C GLN B 554 -1.66 -29.52 0.70
N PRO B 555 -0.35 -29.52 0.43
CA PRO B 555 0.36 -30.77 0.18
C PRO B 555 0.68 -31.48 1.49
N CYS B 556 -0.02 -32.58 1.76
CA CYS B 556 0.16 -33.32 3.00
C CYS B 556 -0.10 -32.44 4.21
PA FAD C . -5.02 5.89 -11.33
O1A FAD C . -4.02 5.81 -12.41
O2A FAD C . -4.44 5.79 -9.91
O5B FAD C . -5.89 7.19 -11.44
C5B FAD C . -5.39 8.37 -12.12
C4B FAD C . -6.53 9.07 -12.80
O4B FAD C . -6.23 9.22 -14.20
C3B FAD C . -7.87 8.34 -12.77
O3B FAD C . -8.58 8.63 -11.58
C2B FAD C . -8.58 8.90 -14.01
O2B FAD C . -9.25 10.13 -13.74
C1B FAD C . -7.41 9.11 -14.97
N9A FAD C . -7.21 8.03 -15.94
C8A FAD C . -6.37 6.97 -15.84
N7A FAD C . -6.39 6.16 -16.86
C5A FAD C . -7.33 6.73 -17.71
C6A FAD C . -7.82 6.34 -18.97
N6A FAD C . -7.43 5.26 -19.63
N1A FAD C . -8.76 7.14 -19.53
C2A FAD C . -9.16 8.23 -18.89
N3A FAD C . -8.77 8.69 -17.69
C4A FAD C . -7.84 7.89 -17.16
N1 FAD C . -11.87 5.90 -16.51
C2 FAD C . -12.73 6.85 -16.05
O2 FAD C . -12.37 7.74 -15.29
N3 FAD C . -14.06 6.82 -16.45
C4 FAD C . -14.62 5.90 -17.30
O4 FAD C . -15.81 5.98 -17.58
C4X FAD C . -13.71 4.90 -17.78
N5 FAD C . -14.16 3.99 -18.60
C5X FAD C . -13.28 3.03 -19.05
C6 FAD C . -13.76 2.05 -19.93
C7 FAD C . -12.92 1.06 -20.41
C7M FAD C . -13.47 0.01 -21.35
C8 FAD C . -11.57 1.04 -20.04
C8M FAD C . -10.63 -0.02 -20.55
C9 FAD C . -11.09 2.02 -19.18
C9A FAD C . -11.93 3.01 -18.68
N10 FAD C . -11.47 4.01 -17.80
C10 FAD C . -12.34 4.98 -17.33
C1' FAD C . -10.06 4.05 -17.37
C2' FAD C . -9.76 3.19 -16.16
O2' FAD C . -10.55 2.00 -16.18
C3' FAD C . -10.05 3.98 -14.88
O3' FAD C . -9.54 5.30 -15.01
C4' FAD C . -9.43 3.36 -13.63
O4' FAD C . -10.45 2.71 -12.87
C5' FAD C . -8.73 4.39 -12.77
O5' FAD C . -8.38 3.80 -11.51
P FAD C . -7.33 4.49 -10.55
O1P FAD C . -7.87 5.85 -10.11
O2P FAD C . -6.96 3.58 -9.44
O3P FAD C . -6.09 4.73 -11.50
MG MG D . -7.34 7.84 -8.18
PA FAD E . 4.98 -5.34 11.60
O1A FAD E . 4.06 -6.40 12.09
O2A FAD E . 4.32 -4.32 10.67
O5B FAD E . 5.68 -4.60 12.80
C5B FAD E . 5.08 -4.56 14.12
C4B FAD E . 6.17 -4.57 15.16
O4B FAD E . 5.94 -5.68 16.07
C3B FAD E . 7.58 -4.80 14.63
O3B FAD E . 8.17 -3.57 14.24
C2B FAD E . 8.29 -5.40 15.84
O2B FAD E . 8.77 -4.41 16.73
C1B FAD E . 7.18 -6.23 16.49
N9A FAD E . 7.18 -7.65 16.15
C8A FAD E . 6.46 -8.26 15.15
N7A FAD E . 6.66 -9.55 15.08
C5A FAD E . 7.58 -9.81 16.09
C6A FAD E . 8.20 -11.00 16.53
N6A FAD E . 7.99 -12.19 15.99
N1A FAD E . 9.06 -10.89 17.57
C2A FAD E . 9.28 -9.70 18.11
N3A FAD E . 8.75 -8.52 17.79
C4A FAD E . 7.91 -8.64 16.76
N1 FAD E . 12.10 -8.72 15.03
C2 FAD E . 12.80 -7.70 15.61
O2 FAD E . 12.26 -6.62 15.87
N3 FAD E . 14.14 -7.87 15.90
C4 FAD E . 14.88 -9.01 15.67
O4 FAD E . 16.06 -9.05 15.98
C4X FAD E . 14.12 -10.09 15.05
N5 FAD E . 14.75 -11.20 14.80
C5X FAD E . 14.03 -12.22 14.22
C6 FAD E . 14.69 -13.43 13.94
C7 FAD E . 14.01 -14.49 13.36
C7M FAD E . 14.76 -15.77 13.08
C8 FAD E . 12.65 -14.36 13.04
C8M FAD E . 11.89 -15.50 12.41
C9 FAD E . 12.00 -13.17 13.32
C9A FAD E . 12.67 -12.09 13.90
N10 FAD E . 12.03 -10.87 14.19
C10 FAD E . 12.73 -9.84 14.77
C1' FAD E . 10.60 -10.69 13.89
C2' FAD E . 10.33 -10.21 12.47
O2' FAD E . 11.27 -10.79 11.57
C3' FAD E . 10.44 -8.68 12.41
O3' FAD E . 9.77 -8.12 13.54
C4' FAD E . 9.82 -8.08 11.15
O4' FAD E . 10.85 -7.70 10.25
C5' FAD E . 8.94 -6.89 11.46
O5' FAD E . 8.57 -6.24 10.22
P FAD E . 7.39 -5.20 10.17
O1P FAD E . 7.72 -4.00 11.07
O2P FAD E . 7.06 -4.85 8.77
O3P FAD E . 6.20 -6.00 10.84
MG MG F . 6.81 -1.38 11.57
#